data_7FCF
#
_entry.id   7FCF
#
_cell.length_a   80.205
_cell.length_b   83.151
_cell.length_c   156.083
_cell.angle_alpha   90.00
_cell.angle_beta   90.00
_cell.angle_gamma   90.00
#
_symmetry.space_group_name_H-M   'P 21 21 21'
#
loop_
_entity.id
_entity.type
_entity.pdbx_description
1 polymer 'Fimbrial protein'
2 polymer 'Fimbrial protein'
#
loop_
_entity_poly.entity_id
_entity_poly.type
_entity_poly.pdbx_seq_one_letter_code
_entity_poly.pdbx_strand_id
1 'polypeptide(L)'
;AFDAFLKIDGIPGESSDDKHKDWIEIQSFAHKLEQPAQATASSAGGATAERVNHAAYEITHFLDKASPKIYEACCKGQHI
KEITIELCRAGGDKVKYMEIKMEQVLIAKVEPHGSANDNGFPSEKVSFTYGKIKWTYTQQKRADGAGGGNVSSG
;
A
2 'polypeptide(L)'
;AFDAFLKIDGIPGESSDDKHKDWIEIQSFAHKLEQPAQATASSAGGATAERVNHAAYEITHFLDKASPKIYEACCKGQHI
KEITIELCRAGGDKVKYMEIKMEQVLIAKVEPHGSANDNGFPSEKVSFTYGKIKWTYTQQKRADGAGGGNVSSGWDLTAN
KAI
;
B,C,D,E,F
#
# COMPACT_ATOMS: atom_id res chain seq x y z
N ALA A 1 3.70 28.40 13.04
CA ALA A 1 2.40 28.83 12.51
C ALA A 1 2.24 28.41 11.04
N PHE A 2 1.02 28.01 10.66
CA PHE A 2 0.71 27.67 9.27
C PHE A 2 -0.02 28.82 8.61
N ASP A 3 -1.17 29.24 9.14
CA ASP A 3 -1.89 30.45 8.71
C ASP A 3 -1.91 30.66 7.20
N ALA A 4 -2.63 29.83 6.46
CA ALA A 4 -2.67 29.93 5.01
C ALA A 4 -4.05 30.41 4.56
N PHE A 5 -4.07 31.16 3.46
CA PHE A 5 -5.27 31.81 2.99
C PHE A 5 -5.26 31.85 1.47
N LEU A 6 -6.45 31.70 0.90
CA LEU A 6 -6.61 31.66 -0.54
C LEU A 6 -7.73 32.61 -0.90
N LYS A 7 -7.47 33.43 -1.90
CA LYS A 7 -8.52 34.27 -2.45
C LYS A 7 -8.81 33.76 -3.85
N ILE A 8 -10.03 33.27 -4.03
CA ILE A 8 -10.55 33.00 -5.36
C ILE A 8 -11.31 34.26 -5.78
N ASP A 9 -11.03 34.76 -6.99
CA ASP A 9 -11.65 36.03 -7.41
C ASP A 9 -13.16 35.95 -7.37
N GLY A 10 -13.73 35.01 -8.12
CA GLY A 10 -15.17 35.02 -8.29
C GLY A 10 -15.92 34.74 -7.00
N ILE A 11 -15.39 33.87 -6.18
CA ILE A 11 -16.11 33.27 -5.06
C ILE A 11 -15.61 33.89 -3.78
N PRO A 12 -16.47 34.46 -2.93
CA PRO A 12 -16.02 35.01 -1.66
C PRO A 12 -16.01 33.92 -0.60
N GLY A 13 -15.23 34.18 0.45
CA GLY A 13 -15.03 33.25 1.51
C GLY A 13 -15.74 33.60 2.79
N GLU A 14 -15.32 32.96 3.87
CA GLU A 14 -15.95 33.09 5.17
C GLU A 14 -14.95 33.28 6.30
N SER A 15 -13.68 33.48 5.97
CA SER A 15 -12.70 33.71 7.02
C SER A 15 -12.92 35.10 7.59
N SER A 16 -12.74 35.23 8.90
CA SER A 16 -12.89 36.53 9.55
C SER A 16 -11.57 37.03 10.11
N ASP A 17 -10.45 36.52 9.56
CA ASP A 17 -9.10 36.85 10.02
C ASP A 17 -8.76 38.32 9.76
N ASP A 18 -7.67 38.74 10.41
CA ASP A 18 -7.17 40.12 10.33
C ASP A 18 -6.75 40.49 8.90
N LYS A 19 -5.77 39.79 8.35
CA LYS A 19 -5.26 40.19 7.04
C LYS A 19 -6.10 39.67 5.86
N HIS A 20 -6.93 38.62 6.03
CA HIS A 20 -7.68 38.03 4.92
C HIS A 20 -9.18 37.81 5.26
N LYS A 21 -9.95 38.88 5.13
CA LYS A 21 -11.40 38.87 5.33
C LYS A 21 -12.09 38.27 4.12
N ASP A 22 -13.19 37.56 4.36
CA ASP A 22 -13.95 36.88 3.30
C ASP A 22 -13.03 36.12 2.35
N TRP A 23 -11.91 35.64 2.88
CA TRP A 23 -11.07 34.72 2.16
C TRP A 23 -11.52 33.32 2.55
N ILE A 24 -10.85 32.33 2.00
CA ILE A 24 -11.14 30.95 2.34
C ILE A 24 -9.94 30.43 3.12
N GLU A 25 -10.22 29.73 4.20
CA GLU A 25 -9.17 29.10 4.99
C GLU A 25 -8.79 27.75 4.40
N ILE A 26 -7.48 27.54 4.24
CA ILE A 26 -6.96 26.38 3.53
C ILE A 26 -6.06 25.59 4.49
N GLN A 27 -6.36 24.30 4.65
CA GLN A 27 -5.60 23.47 5.57
C GLN A 27 -4.57 22.64 4.84
N SER A 28 -4.56 22.67 3.51
CA SER A 28 -3.57 21.96 2.74
C SER A 28 -3.39 22.63 1.40
N PHE A 29 -2.16 22.70 0.94
CA PHE A 29 -1.86 23.24 -0.37
C PHE A 29 -0.82 22.35 -1.04
N ALA A 30 -0.99 22.12 -2.35
CA ALA A 30 -0.07 21.22 -3.08
C ALA A 30 0.12 21.70 -4.51
N HIS A 31 1.19 21.25 -5.17
CA HIS A 31 1.49 21.74 -6.53
C HIS A 31 1.99 20.58 -7.40
N LYS A 32 2.42 20.88 -8.62
CA LYS A 32 2.94 19.85 -9.55
C LYS A 32 3.88 20.53 -10.56
N HIS A 54 4.67 20.81 -15.07
CA HIS A 54 3.58 21.82 -15.12
C HIS A 54 2.24 21.11 -15.24
N ALA A 55 1.32 21.38 -14.30
CA ALA A 55 -0.01 20.74 -14.33
C ALA A 55 -1.02 21.57 -13.53
N ALA A 56 -1.18 21.25 -12.24
CA ALA A 56 -2.27 21.93 -11.48
C ALA A 56 -1.87 22.27 -10.04
N TYR A 57 -2.65 23.15 -9.41
CA TYR A 57 -2.42 23.49 -7.98
C TYR A 57 -3.67 23.12 -7.20
N GLU A 58 -3.55 22.25 -6.22
CA GLU A 58 -4.65 21.74 -5.40
C GLU A 58 -4.63 22.32 -3.98
N ILE A 59 -5.81 22.44 -3.38
CA ILE A 59 -5.88 22.78 -1.96
C ILE A 59 -6.95 21.94 -1.31
N THR A 60 -6.91 21.90 0.02
CA THR A 60 -7.92 21.28 0.86
C THR A 60 -8.53 22.37 1.74
N HIS A 61 -9.85 22.35 1.91
CA HIS A 61 -10.52 23.25 2.85
C HIS A 61 -11.78 22.58 3.37
N PHE A 62 -12.30 23.09 4.50
CA PHE A 62 -13.57 22.61 5.04
C PHE A 62 -14.75 23.06 4.19
N LEU A 63 -15.86 22.36 4.33
CA LEU A 63 -17.06 22.75 3.63
C LEU A 63 -17.61 24.02 4.25
N ASP A 64 -17.69 25.07 3.44
CA ASP A 64 -18.08 26.42 3.86
C ASP A 64 -18.72 27.16 2.69
N LYS A 65 -18.68 28.49 2.78
CA LYS A 65 -19.34 29.43 1.86
C LYS A 65 -18.92 29.28 0.39
N ALA A 66 -17.64 29.01 0.12
CA ALA A 66 -17.19 29.02 -1.27
C ALA A 66 -17.58 27.77 -2.05
N SER A 67 -17.83 26.66 -1.36
CA SER A 67 -17.99 25.36 -2.02
C SER A 67 -19.03 25.35 -3.13
N PRO A 68 -20.27 25.82 -2.93
CA PRO A 68 -21.22 25.68 -4.04
C PRO A 68 -20.82 26.47 -5.28
N LYS A 69 -20.22 27.66 -5.12
CA LYS A 69 -19.78 28.42 -6.27
C LYS A 69 -18.51 27.86 -6.88
N ILE A 70 -17.78 27.02 -6.14
CA ILE A 70 -16.62 26.33 -6.70
C ILE A 70 -17.07 25.29 -7.69
N TYR A 71 -18.14 24.58 -7.37
CA TYR A 71 -18.62 23.54 -8.25
C TYR A 71 -19.07 24.12 -9.61
N GLU A 72 -19.76 25.27 -9.52
CA GLU A 72 -20.31 25.89 -10.74
C GLU A 72 -19.14 26.17 -11.67
N ALA A 73 -18.15 26.92 -11.18
CA ALA A 73 -16.99 27.28 -12.01
C ALA A 73 -16.39 26.02 -12.64
N CYS A 74 -16.22 24.97 -11.84
CA CYS A 74 -15.58 23.73 -12.34
C CYS A 74 -16.41 23.16 -13.49
N CYS A 75 -17.71 23.01 -13.27
CA CYS A 75 -18.60 22.41 -14.30
C CYS A 75 -18.69 23.37 -15.49
N LYS A 76 -18.75 24.67 -15.22
CA LYS A 76 -18.84 25.68 -16.30
C LYS A 76 -17.51 25.74 -17.03
N GLY A 77 -16.46 25.14 -16.46
CA GLY A 77 -15.13 25.30 -17.07
C GLY A 77 -14.89 26.78 -17.23
N GLN A 78 -15.39 27.55 -16.27
CA GLN A 78 -15.32 29.03 -16.39
C GLN A 78 -13.87 29.49 -16.40
N HIS A 79 -13.38 29.99 -17.54
CA HIS A 79 -12.07 30.61 -17.54
C HIS A 79 -12.05 31.54 -16.35
N ILE A 80 -11.19 31.24 -15.38
CA ILE A 80 -11.12 31.99 -14.13
C ILE A 80 -9.82 32.78 -14.16
N LYS A 81 -9.92 34.07 -13.86
CA LYS A 81 -8.81 34.99 -14.07
C LYS A 81 -7.68 34.71 -13.10
N GLU A 82 -7.97 34.77 -11.80
CA GLU A 82 -6.86 34.84 -10.86
C GLU A 82 -7.24 34.18 -9.55
N ILE A 83 -6.24 33.53 -8.97
CA ILE A 83 -6.32 32.91 -7.65
C ILE A 83 -4.99 33.22 -6.95
N THR A 84 -5.06 33.55 -5.66
CA THR A 84 -3.84 33.86 -4.93
C THR A 84 -3.86 33.22 -3.56
N ILE A 85 -2.69 32.82 -3.10
CA ILE A 85 -2.53 32.16 -1.81
C ILE A 85 -1.45 32.91 -1.04
N GLU A 86 -1.62 33.02 0.27
CA GLU A 86 -0.62 33.64 1.15
C GLU A 86 -0.35 32.77 2.37
N LEU A 87 0.91 32.75 2.82
CA LEU A 87 1.28 31.91 3.99
C LEU A 87 1.88 32.80 5.06
N CYS A 88 1.07 33.22 6.05
CA CYS A 88 1.57 34.17 7.08
C CYS A 88 1.93 33.42 8.36
N ARG A 89 2.24 34.16 9.43
CA ARG A 89 2.57 33.54 10.74
C ARG A 89 1.79 34.31 11.81
N ALA A 90 1.59 33.70 12.98
CA ALA A 90 0.83 34.36 14.07
C ALA A 90 1.67 35.53 14.61
N GLY A 91 2.99 35.35 14.69
CA GLY A 91 3.88 36.44 15.12
C GLY A 91 3.77 37.60 14.15
N GLY A 92 3.30 38.75 14.62
CA GLY A 92 3.10 39.91 13.72
C GLY A 92 2.22 39.51 12.55
N ASP A 93 1.06 38.90 12.83
CA ASP A 93 0.12 38.43 11.78
C ASP A 93 0.35 39.16 10.45
N LYS A 96 3.17 37.76 6.30
CA LYS A 96 3.13 37.01 5.01
C LYS A 96 4.55 36.58 4.64
N TYR A 97 4.76 35.27 4.46
CA TYR A 97 6.12 34.77 4.16
C TYR A 97 6.15 34.16 2.76
N MET A 98 4.97 33.90 2.18
CA MET A 98 4.89 33.32 0.83
C MET A 98 3.56 33.62 0.14
N GLU A 99 3.63 33.99 -1.15
CA GLU A 99 2.49 34.37 -1.97
C GLU A 99 2.56 33.65 -3.31
N ILE A 100 1.58 32.81 -3.61
CA ILE A 100 1.49 32.10 -4.90
C ILE A 100 0.35 32.73 -5.70
N LYS A 101 0.69 33.26 -6.88
CA LYS A 101 -0.28 33.90 -7.76
C LYS A 101 -0.32 33.15 -9.09
N MET A 102 -1.53 32.79 -9.54
CA MET A 102 -1.74 32.01 -10.77
C MET A 102 -2.89 32.65 -11.55
N GLU A 103 -2.70 32.83 -12.87
CA GLU A 103 -3.74 33.42 -13.71
C GLU A 103 -4.13 32.45 -14.81
N GLN A 104 -5.22 32.81 -15.52
CA GLN A 104 -5.80 31.98 -16.57
C GLN A 104 -6.06 30.58 -15.98
N VAL A 105 -6.80 30.61 -14.89
CA VAL A 105 -7.01 29.47 -14.02
C VAL A 105 -8.30 28.81 -14.47
N LEU A 106 -8.49 27.58 -14.00
CA LEU A 106 -9.71 26.87 -14.28
C LEU A 106 -9.80 25.80 -13.20
N ILE A 107 -10.88 25.80 -12.41
CA ILE A 107 -11.01 24.73 -11.43
C ILE A 107 -11.21 23.44 -12.19
N ALA A 108 -10.26 22.53 -12.06
CA ALA A 108 -10.36 21.26 -12.74
C ALA A 108 -11.12 20.18 -11.97
N LYS A 109 -10.99 20.15 -10.65
CA LYS A 109 -11.49 19.02 -9.87
C LYS A 109 -11.60 19.37 -8.38
N VAL A 110 -12.74 19.07 -7.78
CA VAL A 110 -12.95 19.25 -6.34
C VAL A 110 -13.68 18.03 -5.75
N GLU A 111 -13.25 17.61 -4.58
CA GLU A 111 -13.75 16.38 -3.99
C GLU A 111 -14.05 16.55 -2.49
N PRO A 112 -15.34 16.54 -2.08
CA PRO A 112 -15.68 16.60 -0.66
C PRO A 112 -15.68 15.25 0.05
N HIS A 113 -14.88 15.15 1.10
CA HIS A 113 -14.81 13.90 1.89
C HIS A 113 -15.42 14.18 3.26
N GLY A 114 -15.54 13.15 4.10
CA GLY A 114 -16.08 13.31 5.45
C GLY A 114 -16.39 11.96 6.05
N SER A 115 -15.83 11.65 7.22
CA SER A 115 -16.01 10.30 7.81
C SER A 115 -16.08 10.39 9.33
N ALA A 116 -14.92 10.44 9.99
CA ALA A 116 -14.87 10.52 11.47
C ALA A 116 -13.88 11.62 11.85
N ASN A 117 -14.20 12.43 12.87
CA ASN A 117 -13.34 13.57 13.32
C ASN A 117 -13.19 14.58 12.18
N ASP A 118 -12.32 14.31 11.21
CA ASP A 118 -12.18 15.20 10.02
C ASP A 118 -11.92 16.64 10.49
N PHE A 121 -14.87 17.95 10.93
CA PHE A 121 -15.59 18.81 9.96
C PHE A 121 -15.23 18.36 8.53
N PRO A 122 -16.23 18.06 7.68
CA PRO A 122 -15.95 17.57 6.33
C PRO A 122 -15.10 18.54 5.52
N SER A 123 -14.28 18.00 4.62
CA SER A 123 -13.35 18.88 3.85
C SER A 123 -13.38 18.48 2.37
N GLU A 124 -12.77 19.29 1.50
CA GLU A 124 -12.71 18.99 0.08
C GLU A 124 -11.42 19.50 -0.50
N LYS A 125 -10.93 18.78 -1.48
CA LYS A 125 -9.64 19.04 -2.09
C LYS A 125 -9.91 19.52 -3.51
N VAL A 126 -9.66 20.81 -3.75
CA VAL A 126 -9.95 21.45 -5.03
C VAL A 126 -8.65 21.77 -5.77
N SER A 127 -8.66 21.53 -7.08
CA SER A 127 -7.48 21.57 -7.93
C SER A 127 -7.66 22.56 -9.07
N PHE A 128 -6.63 23.39 -9.31
CA PHE A 128 -6.71 24.51 -10.24
C PHE A 128 -5.67 24.33 -11.34
N THR A 129 -6.06 24.48 -12.61
CA THR A 129 -5.12 24.50 -13.73
C THR A 129 -4.94 25.90 -14.31
N TYR A 130 -3.80 26.10 -15.00
CA TYR A 130 -3.42 27.43 -15.48
C TYR A 130 -2.46 27.32 -16.68
N GLY A 131 -2.14 28.48 -17.25
CA GLY A 131 -1.16 28.64 -18.33
C GLY A 131 -0.02 29.55 -17.89
N LYS A 132 -0.20 30.22 -16.74
CA LYS A 132 0.76 31.15 -16.16
C LYS A 132 0.75 31.06 -14.64
N ILE A 133 1.92 31.33 -13.99
CA ILE A 133 2.06 31.27 -12.53
C ILE A 133 3.10 32.29 -12.05
N LYS A 134 2.95 32.71 -10.77
CA LYS A 134 3.89 33.56 -10.04
C LYS A 134 3.96 33.16 -8.56
N TRP A 135 5.17 33.01 -8.03
CA TRP A 135 5.40 32.66 -6.62
C TRP A 135 6.31 33.67 -5.93
N THR A 136 6.00 34.04 -4.66
CA THR A 136 6.70 35.13 -3.94
C THR A 136 7.00 34.88 -2.45
N TYR A 137 8.23 34.46 -2.13
CA TYR A 137 8.70 34.29 -0.75
C TYR A 137 9.24 35.61 -0.16
N THR A 138 8.89 35.91 1.10
CA THR A 138 9.39 37.13 1.76
C THR A 138 10.40 36.73 2.83
N GLN A 139 11.67 36.73 2.44
CA GLN A 139 12.74 36.24 3.31
C GLN A 139 13.27 37.39 4.17
N GLN A 140 13.13 37.25 5.49
CA GLN A 140 13.65 38.21 6.50
C GLN A 140 15.03 37.84 7.05
N ALA A 146 13.70 44.03 4.13
CA ALA A 146 13.97 42.74 4.73
C ALA A 146 15.39 42.31 4.39
N GLY A 147 15.94 41.38 5.14
CA GLY A 147 17.22 40.81 4.77
C GLY A 147 17.01 39.87 3.59
N GLY A 148 16.66 40.42 2.45
CA GLY A 148 16.30 39.59 1.33
C GLY A 148 15.09 40.16 0.62
N GLY A 149 14.40 41.09 1.28
CA GLY A 149 13.31 41.75 0.60
C GLY A 149 12.26 40.74 0.20
N ASN A 150 11.95 40.73 -1.09
CA ASN A 150 10.93 39.85 -1.65
C ASN A 150 11.50 39.12 -2.88
N VAL A 151 11.79 37.83 -2.71
CA VAL A 151 12.20 36.92 -3.79
C VAL A 151 10.95 36.34 -4.49
N SER A 152 10.86 36.47 -5.82
CA SER A 152 9.67 36.08 -6.59
C SER A 152 10.04 35.27 -7.82
N SER A 153 9.02 34.68 -8.47
CA SER A 153 9.22 33.87 -9.66
C SER A 153 7.92 33.76 -10.43
N GLY A 154 8.05 33.52 -11.75
CA GLY A 154 6.91 33.39 -12.64
C GLY A 154 7.20 32.67 -13.94
N ALA B 1 -16.77 14.69 13.40
CA ALA B 1 -17.28 14.68 12.02
C ALA B 1 -18.48 15.60 11.87
N PHE B 2 -19.63 15.04 11.53
CA PHE B 2 -20.87 15.82 11.47
C PHE B 2 -22.02 14.94 11.96
N ASP B 3 -23.22 15.22 11.46
CA ASP B 3 -24.46 14.46 11.74
C ASP B 3 -25.31 14.48 10.47
N ALA B 4 -25.12 13.50 9.59
CA ALA B 4 -25.74 13.49 8.28
C ALA B 4 -26.86 12.45 8.14
N PHE B 5 -27.79 12.76 7.23
CA PHE B 5 -29.04 12.03 7.01
C PHE B 5 -29.38 12.06 5.52
N LEU B 6 -30.02 11.01 5.03
CA LEU B 6 -30.37 10.84 3.62
C LEU B 6 -31.84 10.41 3.43
N LYS B 7 -32.54 11.01 2.49
CA LYS B 7 -33.89 10.59 2.12
C LYS B 7 -33.85 10.06 0.69
N ILE B 8 -34.19 8.79 0.50
CA ILE B 8 -34.46 8.28 -0.83
C ILE B 8 -35.96 8.34 -1.05
N ASP B 9 -36.38 8.85 -2.21
CA ASP B 9 -37.81 8.96 -2.44
C ASP B 9 -38.47 7.60 -2.33
N GLY B 10 -37.97 6.63 -3.09
CA GLY B 10 -38.62 5.34 -3.12
C GLY B 10 -38.43 4.55 -1.85
N ILE B 11 -37.23 4.63 -1.27
CA ILE B 11 -36.76 3.74 -0.23
C ILE B 11 -36.64 4.52 1.07
N PRO B 12 -37.43 4.21 2.08
CA PRO B 12 -37.28 4.86 3.37
C PRO B 12 -36.34 4.08 4.29
N GLY B 13 -35.80 4.81 5.27
CA GLY B 13 -34.87 4.25 6.21
C GLY B 13 -35.51 4.03 7.57
N GLU B 14 -34.66 3.89 8.60
CA GLU B 14 -35.15 3.59 9.94
C GLU B 14 -34.53 4.44 11.05
N SER B 15 -33.96 5.62 10.75
CA SER B 15 -33.40 6.44 11.82
C SER B 15 -34.50 7.00 12.71
N SER B 16 -34.16 7.20 13.98
CA SER B 16 -35.08 7.74 14.98
C SER B 16 -34.70 9.17 15.33
N ASP B 17 -34.00 9.85 14.42
CA ASP B 17 -33.71 11.27 14.64
C ASP B 17 -35.00 12.09 14.64
N ASP B 18 -34.97 13.22 15.34
CA ASP B 18 -36.15 14.05 15.39
C ASP B 18 -36.41 14.76 14.07
N LYS B 19 -35.44 15.54 13.57
CA LYS B 19 -35.74 16.31 12.37
C LYS B 19 -35.88 15.40 11.13
N HIS B 20 -35.37 14.15 11.21
CA HIS B 20 -35.40 13.18 10.10
C HIS B 20 -35.86 11.82 10.64
N LYS B 21 -37.17 11.60 10.74
CA LYS B 21 -37.61 10.25 11.05
C LYS B 21 -37.49 9.41 9.79
N ASP B 22 -37.14 8.13 9.95
CA ASP B 22 -36.98 7.12 8.88
C ASP B 22 -36.22 7.61 7.64
N TRP B 23 -35.21 8.43 7.88
CA TRP B 23 -34.21 8.77 6.89
C TRP B 23 -33.13 7.68 7.01
N ILE B 24 -32.02 7.81 6.29
CA ILE B 24 -30.93 6.87 6.38
C ILE B 24 -29.78 7.57 7.08
N GLU B 25 -29.26 6.97 8.13
CA GLU B 25 -28.08 7.54 8.76
C GLU B 25 -26.81 7.12 8.00
N ILE B 26 -25.97 8.13 7.71
CA ILE B 26 -24.83 8.09 6.82
C ILE B 26 -23.59 8.49 7.62
N GLN B 27 -22.52 7.64 7.58
CA GLN B 27 -21.28 7.87 8.32
C GLN B 27 -20.09 8.27 7.46
N SER B 28 -20.22 8.19 6.14
CA SER B 28 -19.18 8.59 5.23
C SER B 28 -19.85 8.99 3.95
N PHE B 29 -19.37 10.07 3.38
CA PHE B 29 -19.82 10.51 2.07
C PHE B 29 -18.58 10.97 1.32
N ALA B 30 -18.65 10.84 0.01
CA ALA B 30 -17.51 11.24 -0.83
C ALA B 30 -18.05 11.55 -2.22
N HIS B 31 -17.48 12.56 -2.87
CA HIS B 31 -17.90 12.91 -4.26
C HIS B 31 -16.66 13.41 -5.00
N LYS B 32 -16.77 13.69 -6.30
CA LYS B 32 -15.66 14.26 -7.09
C LYS B 32 -16.26 14.76 -8.41
N LEU B 33 -15.91 15.96 -8.86
CA LEU B 33 -16.45 16.37 -10.18
C LEU B 33 -15.34 16.75 -11.14
N GLU B 34 -15.48 16.36 -12.41
CA GLU B 34 -14.47 16.68 -13.45
C GLU B 34 -13.06 16.40 -12.90
N VAL B 52 -18.01 18.19 -18.36
CA VAL B 52 -17.56 17.90 -16.97
C VAL B 52 -17.62 16.38 -16.75
N ASN B 53 -16.54 15.80 -16.23
CA ASN B 53 -16.53 14.34 -15.95
C ASN B 53 -17.11 14.11 -14.56
N HIS B 54 -18.43 14.31 -14.41
CA HIS B 54 -19.09 14.14 -13.10
C HIS B 54 -19.04 12.68 -12.67
N ALA B 55 -19.00 12.42 -11.36
CA ALA B 55 -18.89 11.03 -10.88
C ALA B 55 -20.18 10.62 -10.17
N ALA B 56 -20.07 10.06 -8.96
CA ALA B 56 -21.26 9.56 -8.24
C ALA B 56 -21.12 9.91 -6.76
N TYR B 57 -22.22 10.33 -6.14
CA TYR B 57 -22.17 10.62 -4.69
C TYR B 57 -22.20 9.29 -3.95
N GLU B 58 -21.11 8.98 -3.24
CA GLU B 58 -21.03 7.71 -2.49
C GLU B 58 -21.42 7.98 -1.05
N ILE B 59 -22.35 7.20 -0.51
CA ILE B 59 -22.74 7.34 0.92
C ILE B 59 -22.51 5.98 1.58
N THR B 60 -22.15 5.96 2.87
CA THR B 60 -22.03 4.65 3.57
C THR B 60 -23.01 4.63 4.74
N HIS B 61 -23.81 3.57 4.84
CA HIS B 61 -24.79 3.44 5.94
C HIS B 61 -24.64 2.09 6.61
N PHE B 62 -24.81 2.04 7.92
CA PHE B 62 -24.80 0.72 8.60
C PHE B 62 -26.04 -0.02 8.10
N LEU B 63 -25.94 -1.33 7.85
CA LEU B 63 -27.06 -2.10 7.27
C LEU B 63 -28.37 -1.73 7.99
N ASP B 64 -29.31 -1.11 7.28
CA ASP B 64 -30.60 -0.68 7.89
C ASP B 64 -31.76 -1.42 7.21
N LYS B 65 -32.99 -0.95 7.41
CA LYS B 65 -34.17 -1.59 6.80
C LYS B 65 -34.25 -1.21 5.32
N ALA B 66 -33.52 -0.18 4.92
CA ALA B 66 -33.56 0.28 3.53
C ALA B 66 -32.72 -0.67 2.69
N SER B 67 -31.67 -1.25 3.29
CA SER B 67 -30.75 -2.12 2.54
C SER B 67 -31.47 -3.05 1.58
N PRO B 68 -32.39 -3.97 1.96
CA PRO B 68 -33.00 -4.89 1.01
C PRO B 68 -33.57 -4.16 -0.22
N LYS B 69 -34.31 -3.09 -0.01
CA LYS B 69 -34.95 -2.37 -1.12
C LYS B 69 -33.89 -1.61 -1.93
N ILE B 70 -32.85 -1.10 -1.27
CA ILE B 70 -31.73 -0.40 -1.97
C ILE B 70 -31.11 -1.40 -2.95
N TYR B 71 -30.83 -2.60 -2.48
CA TYR B 71 -30.24 -3.65 -3.36
C TYR B 71 -31.15 -3.81 -4.58
N GLU B 72 -32.43 -4.08 -4.33
CA GLU B 72 -33.35 -4.35 -5.45
C GLU B 72 -33.45 -3.12 -6.37
N ALA B 73 -33.46 -1.91 -5.80
CA ALA B 73 -33.63 -0.70 -6.63
C ALA B 73 -32.49 -0.62 -7.63
N CYS B 74 -31.26 -0.92 -7.17
CA CYS B 74 -30.11 -0.94 -8.11
C CYS B 74 -30.41 -1.96 -9.19
N CYS B 75 -30.78 -3.18 -8.79
CA CYS B 75 -30.99 -4.25 -9.79
C CYS B 75 -32.17 -3.89 -10.71
N LYS B 76 -33.18 -3.20 -10.18
CA LYS B 76 -34.36 -2.90 -11.02
C LYS B 76 -34.03 -1.70 -11.90
N GLY B 77 -32.96 -0.98 -11.58
CA GLY B 77 -32.67 0.26 -12.32
C GLY B 77 -33.77 1.25 -12.03
N GLN B 78 -34.30 1.21 -10.82
CA GLN B 78 -35.47 2.07 -10.49
C GLN B 78 -35.06 3.54 -10.56
N HIS B 79 -35.69 4.29 -11.46
CA HIS B 79 -35.40 5.75 -11.50
C HIS B 79 -35.91 6.36 -10.20
N ILE B 80 -35.00 6.69 -9.29
CA ILE B 80 -35.44 7.42 -8.08
C ILE B 80 -35.60 8.87 -8.50
N LYS B 81 -36.80 9.43 -8.34
CA LYS B 81 -37.04 10.81 -8.81
C LYS B 81 -35.98 11.73 -8.22
N GLU B 82 -35.87 11.74 -6.89
CA GLU B 82 -34.87 12.64 -6.25
C GLU B 82 -34.44 12.07 -4.90
N ILE B 83 -33.25 12.47 -4.45
CA ILE B 83 -32.78 12.06 -3.08
C ILE B 83 -32.33 13.36 -2.40
N THR B 84 -32.38 13.42 -1.08
CA THR B 84 -31.86 14.63 -0.40
C THR B 84 -30.92 14.21 0.74
N ILE B 85 -29.71 14.76 0.76
CA ILE B 85 -28.75 14.46 1.85
C ILE B 85 -28.56 15.75 2.65
N GLU B 86 -28.65 15.68 3.97
CA GLU B 86 -28.57 16.90 4.82
C GLU B 86 -27.48 16.71 5.86
N LEU B 87 -26.45 17.56 5.83
CA LEU B 87 -25.39 17.49 6.87
C LEU B 87 -25.68 18.56 7.93
N CYS B 88 -25.86 18.13 9.19
CA CYS B 88 -26.11 19.09 10.29
C CYS B 88 -24.91 19.07 11.23
N ARG B 89 -24.77 20.09 12.08
CA ARG B 89 -23.58 20.19 12.96
C ARG B 89 -23.87 19.49 14.28
N ALA B 90 -23.06 19.79 15.31
CA ALA B 90 -23.28 19.22 16.66
C ALA B 90 -23.93 20.29 17.55
N GLY B 91 -24.26 19.95 18.80
CA GLY B 91 -24.98 20.92 19.66
C GLY B 91 -26.28 21.32 18.97
N GLY B 92 -27.05 20.33 18.52
CA GLY B 92 -28.26 20.63 17.74
C GLY B 92 -28.29 19.76 16.50
N ASP B 93 -29.28 18.87 16.39
CA ASP B 93 -29.37 17.93 15.23
C ASP B 93 -28.05 17.15 15.11
N VAL B 95 -28.12 21.97 13.76
CA VAL B 95 -27.57 23.17 13.05
C VAL B 95 -27.25 22.78 11.61
N LYS B 96 -28.30 22.55 10.81
CA LYS B 96 -28.10 22.17 9.39
C LYS B 96 -27.23 23.23 8.72
N TYR B 97 -26.27 22.80 7.92
CA TYR B 97 -25.34 23.76 7.28
C TYR B 97 -25.15 23.41 5.80
N MET B 98 -25.59 22.23 5.34
CA MET B 98 -25.46 21.96 3.88
C MET B 98 -26.50 20.94 3.43
N GLU B 99 -27.18 21.22 2.32
CA GLU B 99 -28.19 20.28 1.78
C GLU B 99 -27.80 19.89 0.35
N ILE B 100 -27.66 18.59 0.08
CA ILE B 100 -27.34 18.12 -1.29
C ILE B 100 -28.60 17.47 -1.88
N LYS B 101 -29.34 18.21 -2.70
CA LYS B 101 -30.54 17.64 -3.34
C LYS B 101 -30.18 17.19 -4.76
N MET B 102 -30.19 15.88 -4.98
CA MET B 102 -29.83 15.34 -6.31
C MET B 102 -31.07 14.73 -6.95
N GLU B 103 -31.33 15.01 -8.23
CA GLU B 103 -32.56 14.51 -8.89
C GLU B 103 -32.18 13.52 -9.99
N GLN B 104 -33.19 12.92 -10.63
CA GLN B 104 -32.95 11.90 -11.70
C GLN B 104 -31.86 10.95 -11.22
N VAL B 105 -32.07 10.32 -10.05
CA VAL B 105 -30.99 9.47 -9.47
C VAL B 105 -31.21 8.00 -9.82
N LEU B 106 -30.17 7.19 -9.65
CA LEU B 106 -30.27 5.74 -9.90
C LEU B 106 -29.22 5.06 -9.03
N ILE B 107 -29.61 4.10 -8.21
CA ILE B 107 -28.62 3.34 -7.39
C ILE B 107 -27.72 2.60 -8.36
N ALA B 108 -26.41 2.89 -8.32
CA ALA B 108 -25.49 2.28 -9.29
C ALA B 108 -24.78 1.09 -8.65
N LYS B 109 -23.94 1.35 -7.65
CA LYS B 109 -23.13 0.27 -7.05
C LYS B 109 -23.34 0.25 -5.54
N VAL B 110 -23.92 -0.84 -5.04
CA VAL B 110 -24.08 -0.98 -3.56
C VAL B 110 -23.08 -2.05 -3.11
N GLU B 111 -22.18 -1.69 -2.19
CA GLU B 111 -21.13 -2.64 -1.73
C GLU B 111 -21.28 -2.84 -0.23
N PRO B 112 -22.11 -3.79 0.24
CA PRO B 112 -22.21 -4.07 1.66
C PRO B 112 -20.93 -4.75 2.14
N HIS B 113 -20.44 -4.38 3.33
CA HIS B 113 -19.21 -5.00 3.88
C HIS B 113 -19.36 -5.19 5.38
N GLY B 114 -18.44 -5.95 5.98
CA GLY B 114 -18.47 -6.19 7.44
C GLY B 114 -17.31 -7.06 7.86
N SER B 115 -16.57 -6.65 8.89
CA SER B 115 -15.38 -7.41 9.31
C SER B 115 -15.26 -7.35 10.83
N ALA B 116 -14.62 -8.35 11.44
CA ALA B 116 -14.50 -8.39 12.91
C ALA B 116 -13.52 -7.30 13.33
N ASN B 117 -12.48 -7.09 12.53
CA ASN B 117 -11.47 -6.04 12.83
C ASN B 117 -12.11 -4.66 12.70
N ASP B 118 -13.21 -4.54 11.92
CA ASP B 118 -13.92 -3.24 11.83
C ASP B 118 -14.28 -2.80 13.24
N ASN B 119 -14.63 -3.75 14.12
CA ASN B 119 -15.02 -3.42 15.52
C ASN B 119 -16.11 -2.36 15.48
N GLY B 120 -16.99 -2.43 14.47
CA GLY B 120 -18.09 -1.47 14.33
C GLY B 120 -19.26 -2.21 13.72
N PHE B 121 -20.20 -1.47 13.12
CA PHE B 121 -21.41 -2.16 12.62
C PHE B 121 -21.21 -2.54 11.14
N PRO B 122 -21.74 -3.70 10.60
CA PRO B 122 -21.64 -3.95 9.17
C PRO B 122 -22.14 -2.72 8.42
N SER B 123 -21.24 -2.05 7.70
CA SER B 123 -21.63 -0.85 6.90
C SER B 123 -21.96 -1.26 5.47
N GLU B 124 -21.98 -0.29 4.56
CA GLU B 124 -22.38 -0.60 3.16
C GLU B 124 -22.34 0.70 2.35
N LYS B 125 -21.51 0.75 1.30
CA LYS B 125 -21.37 2.00 0.50
C LYS B 125 -22.29 1.94 -0.71
N VAL B 126 -23.20 2.91 -0.83
CA VAL B 126 -24.10 2.96 -2.02
C VAL B 126 -23.73 4.19 -2.86
N SER B 127 -23.47 3.98 -4.16
CA SER B 127 -23.13 5.09 -5.07
C SER B 127 -24.39 5.53 -5.81
N PHE B 128 -24.44 6.78 -6.30
CA PHE B 128 -25.68 7.28 -6.93
C PHE B 128 -25.38 8.04 -8.21
N THR B 129 -25.83 7.53 -9.36
CA THR B 129 -25.67 8.31 -10.61
C THR B 129 -26.81 9.32 -10.66
N TYR B 130 -26.51 10.61 -10.59
CA TYR B 130 -27.56 11.65 -10.53
C TYR B 130 -27.78 12.23 -11.92
N GLY B 131 -28.73 13.14 -12.06
CA GLY B 131 -28.96 13.82 -13.34
C GLY B 131 -29.02 15.31 -13.10
N LYS B 132 -29.47 15.69 -11.90
CA LYS B 132 -29.48 17.13 -11.52
C LYS B 132 -28.92 17.17 -10.11
N ILE B 133 -28.31 18.28 -9.70
CA ILE B 133 -27.66 18.35 -8.35
C ILE B 133 -27.89 19.75 -7.79
N LYS B 134 -27.83 19.89 -6.47
CA LYS B 134 -28.04 21.21 -5.82
C LYS B 134 -27.25 21.23 -4.52
N TRP B 135 -26.76 22.42 -4.13
CA TRP B 135 -25.96 22.55 -2.90
C TRP B 135 -26.47 23.76 -2.12
N THR B 136 -26.44 23.72 -0.79
CA THR B 136 -27.07 24.80 0.02
C THR B 136 -26.35 24.99 1.35
N TYR B 137 -25.37 25.90 1.36
CA TYR B 137 -24.61 26.18 2.60
C TYR B 137 -25.37 27.17 3.47
N THR B 138 -25.87 26.71 4.61
CA THR B 138 -26.54 27.63 5.57
C THR B 138 -25.48 28.17 6.52
N GLN B 139 -25.31 29.49 6.59
CA GLN B 139 -24.28 30.09 7.47
C GLN B 139 -24.81 30.18 8.89
N GLN B 140 -24.01 30.68 9.85
CA GLN B 140 -24.44 30.68 11.26
C GLN B 140 -24.92 32.10 11.64
N LYS B 141 -24.09 32.86 12.34
CA LYS B 141 -24.44 34.25 12.72
C LYS B 141 -23.18 35.12 12.66
N ARG B 142 -23.06 36.09 13.57
CA ARG B 142 -21.86 36.98 13.62
C ARG B 142 -21.75 37.52 15.04
N ALA B 143 -21.82 36.65 16.05
CA ALA B 143 -21.79 37.07 17.47
C ALA B 143 -22.74 38.25 17.68
N ASP B 144 -23.97 38.14 17.18
CA ASP B 144 -24.95 39.27 17.28
C ASP B 144 -26.32 38.71 17.70
N GLY B 147 -26.15 36.47 10.45
CA GLY B 147 -24.87 36.67 9.74
C GLY B 147 -24.71 35.70 8.59
N GLY B 148 -24.46 36.21 7.38
CA GLY B 148 -24.28 35.35 6.20
C GLY B 148 -25.62 34.96 5.58
N GLY B 149 -25.62 34.00 4.66
CA GLY B 149 -26.93 33.55 4.12
C GLY B 149 -26.88 32.13 3.59
N ASN B 150 -27.66 31.84 2.55
CA ASN B 150 -27.74 30.46 1.99
C ASN B 150 -27.06 30.43 0.62
N VAL B 151 -25.73 30.33 0.59
CA VAL B 151 -25.00 30.35 -0.69
C VAL B 151 -25.26 29.06 -1.46
N SER B 152 -25.76 29.16 -2.71
CA SER B 152 -26.13 27.97 -3.49
C SER B 152 -25.66 28.02 -4.95
N SER B 153 -25.75 26.82 -5.55
CA SER B 153 -25.34 26.46 -6.90
C SER B 153 -25.90 25.08 -7.20
N GLY B 154 -25.98 24.76 -8.50
CA GLY B 154 -26.43 23.46 -8.95
C GLY B 154 -26.04 23.28 -10.40
N TRP B 155 -25.98 22.03 -10.82
CA TRP B 155 -25.79 21.76 -12.24
C TRP B 155 -26.97 20.97 -12.76
N ASP B 156 -27.30 21.18 -14.02
CA ASP B 156 -28.20 20.30 -14.73
C ASP B 156 -27.35 19.38 -15.60
N LEU B 157 -26.83 18.31 -14.96
CA LEU B 157 -26.00 17.36 -15.69
C LEU B 157 -26.70 16.81 -16.93
N THR B 158 -28.04 16.79 -16.94
CA THR B 158 -28.79 16.37 -18.13
C THR B 158 -28.91 17.46 -19.19
N ALA B 159 -28.46 18.68 -18.90
CA ALA B 159 -28.27 19.66 -19.96
C ALA B 159 -27.01 20.48 -19.67
N ASN B 160 -26.00 19.84 -19.08
CA ASN B 160 -24.67 20.50 -18.86
C ASN B 160 -24.74 22.03 -18.99
N LYS B 161 -25.64 22.68 -18.25
CA LYS B 161 -25.72 24.14 -18.22
C LYS B 161 -26.36 24.39 -16.85
N ALA B 162 -25.78 25.32 -16.09
CA ALA B 162 -26.05 25.48 -14.66
C ALA B 162 -27.48 25.98 -14.40
N ILE B 163 -27.82 26.08 -13.12
CA ILE B 163 -29.20 26.37 -12.67
C ILE B 163 -29.47 27.88 -12.44
N ALA C 1 16.83 -8.75 12.87
CA ALA C 1 18.13 -8.16 12.54
C ALA C 1 19.27 -9.16 12.72
N PHE C 2 19.99 -9.42 11.63
CA PHE C 2 21.08 -10.35 11.51
C PHE C 2 22.43 -9.64 11.67
N ASP C 3 23.51 -10.35 11.32
CA ASP C 3 24.86 -9.80 11.21
C ASP C 3 25.31 -10.21 9.81
N ALA C 4 25.17 -9.31 8.84
CA ALA C 4 25.48 -9.65 7.47
C ALA C 4 26.67 -8.85 6.96
N PHE C 5 27.41 -9.47 6.05
CA PHE C 5 28.67 -9.00 5.52
C PHE C 5 28.84 -9.44 4.08
N LEU C 6 29.52 -8.61 3.30
CA LEU C 6 29.78 -8.87 1.89
C LEU C 6 31.26 -8.66 1.62
N LYS C 7 31.88 -9.62 0.90
CA LYS C 7 33.24 -9.42 0.41
C LYS C 7 33.11 -9.15 -1.06
N ILE C 8 33.45 -7.95 -1.45
CA ILE C 8 33.72 -7.63 -2.83
C ILE C 8 35.21 -7.75 -3.00
N ASP C 9 35.66 -8.44 -4.05
CA ASP C 9 37.10 -8.59 -4.25
C ASP C 9 37.79 -7.24 -4.45
N GLY C 10 37.30 -6.44 -5.41
CA GLY C 10 37.95 -5.20 -5.80
C GLY C 10 37.80 -3.99 -4.88
N ILE C 11 36.60 -3.74 -4.36
CA ILE C 11 36.26 -2.50 -3.67
C ILE C 11 36.27 -2.78 -2.16
N PRO C 12 37.12 -2.12 -1.38
CA PRO C 12 37.17 -2.42 0.05
C PRO C 12 36.09 -1.67 0.80
N GLY C 13 35.81 -2.15 2.01
CA GLY C 13 34.85 -1.52 2.86
C GLY C 13 35.50 -0.90 4.08
N GLU C 14 34.69 -0.68 5.10
CA GLU C 14 35.22 -0.05 6.31
C GLU C 14 34.68 -0.69 7.57
N SER C 15 34.41 -2.00 7.53
CA SER C 15 33.93 -2.65 8.73
C SER C 15 35.01 -2.60 9.80
N SER C 16 34.56 -2.46 11.04
CA SER C 16 35.45 -2.47 12.19
C SER C 16 35.31 -3.79 12.92
N ASP C 17 34.50 -4.70 12.38
CA ASP C 17 34.32 -6.05 12.91
C ASP C 17 35.58 -6.89 12.81
N ASP C 18 35.81 -7.71 13.84
CA ASP C 18 37.02 -8.54 13.89
C ASP C 18 37.00 -9.71 12.90
N LYS C 19 35.84 -10.33 12.65
CA LYS C 19 35.87 -11.43 11.68
C LYS C 19 35.98 -10.94 10.25
N HIS C 20 35.38 -9.81 9.94
CA HIS C 20 35.33 -9.33 8.56
C HIS C 20 35.90 -7.89 8.46
N LYS C 21 37.23 -7.75 8.56
CA LYS C 21 37.81 -6.40 8.62
C LYS C 21 37.75 -5.69 7.27
N ASP C 22 37.43 -4.39 7.30
CA ASP C 22 37.25 -3.56 6.12
C ASP C 22 36.40 -4.30 5.10
N TRP C 23 35.31 -4.91 5.56
CA TRP C 23 34.35 -5.59 4.70
C TRP C 23 33.18 -4.67 4.36
N ILE C 24 32.11 -5.24 3.83
CA ILE C 24 30.90 -4.49 3.61
C ILE C 24 29.87 -5.05 4.56
N GLU C 25 29.41 -4.19 5.47
CA GLU C 25 28.30 -4.53 6.35
C GLU C 25 27.02 -4.37 5.55
N ILE C 26 26.15 -5.34 5.67
CA ILE C 26 24.95 -5.41 4.84
C ILE C 26 23.72 -5.25 5.72
N GLN C 27 22.79 -4.41 5.27
CA GLN C 27 21.57 -4.11 5.99
C GLN C 27 20.35 -4.82 5.43
N SER C 28 20.39 -5.31 4.19
CA SER C 28 19.29 -6.09 3.59
C SER C 28 19.77 -6.81 2.34
N PHE C 29 19.31 -8.04 2.17
CA PHE C 29 19.65 -8.84 0.97
C PHE C 29 18.35 -9.33 0.33
N ALA C 30 18.39 -9.60 -0.97
CA ALA C 30 17.17 -10.07 -1.69
C ALA C 30 17.59 -10.84 -2.93
N HIS C 31 16.81 -11.85 -3.30
CA HIS C 31 17.11 -12.68 -4.49
C HIS C 31 15.83 -13.38 -4.93
N LYS C 32 15.80 -13.94 -6.15
CA LYS C 32 14.56 -14.57 -6.68
C LYS C 32 14.90 -15.55 -7.79
N LEU C 33 15.08 -16.84 -7.45
CA LEU C 33 15.32 -17.87 -8.49
C LEU C 33 13.96 -18.42 -8.93
N GLU C 34 13.59 -18.24 -10.21
CA GLU C 34 12.24 -18.65 -10.68
C GLU C 34 12.31 -19.97 -11.43
N GLN C 35 11.44 -20.17 -12.42
CA GLN C 35 11.47 -21.40 -13.27
C GLN C 35 10.95 -21.04 -14.66
N ARG C 51 13.52 -24.30 -17.47
CA ARG C 51 13.96 -23.00 -18.04
C ARG C 51 13.97 -21.96 -16.92
N VAL C 52 14.81 -22.13 -15.90
CA VAL C 52 14.82 -21.22 -14.73
C VAL C 52 15.05 -19.77 -15.16
N ASN C 53 14.25 -18.84 -14.65
CA ASN C 53 14.48 -17.40 -14.94
C ASN C 53 15.27 -16.80 -13.77
N HIS C 54 16.58 -16.89 -13.81
CA HIS C 54 17.44 -16.33 -12.73
C HIS C 54 17.31 -14.81 -12.64
N ALA C 55 17.54 -14.24 -11.45
CA ALA C 55 17.49 -12.76 -11.30
C ALA C 55 18.87 -12.25 -10.87
N ALA C 56 18.90 -11.28 -9.96
CA ALA C 56 20.18 -10.71 -9.49
C ALA C 56 20.19 -10.66 -7.96
N TYR C 57 21.37 -10.59 -7.36
CA TYR C 57 21.43 -10.47 -5.88
C TYR C 57 21.47 -9.00 -5.47
N GLU C 58 20.44 -8.57 -4.75
CA GLU C 58 20.35 -7.19 -4.30
C GLU C 58 20.77 -7.06 -2.85
N ILE C 59 21.56 -6.04 -2.52
CA ILE C 59 21.87 -5.76 -1.12
C ILE C 59 21.90 -4.24 -0.93
N THR C 60 21.54 -3.79 0.29
CA THR C 60 21.54 -2.37 0.63
C THR C 60 22.52 -2.13 1.79
N HIS C 61 23.25 -1.00 1.75
CA HIS C 61 24.19 -0.64 2.81
C HIS C 61 24.36 0.88 2.84
N PHE C 62 24.92 1.37 3.93
CA PHE C 62 25.23 2.80 4.07
C PHE C 62 26.31 3.23 3.09
N LEU C 63 26.31 4.51 2.75
CA LEU C 63 27.40 5.06 1.97
C LEU C 63 28.69 5.00 2.79
N ASP C 64 29.72 4.33 2.28
CA ASP C 64 30.94 4.05 3.06
C ASP C 64 32.18 4.17 2.17
N LYS C 65 33.33 3.66 2.65
CA LYS C 65 34.58 3.71 1.88
C LYS C 65 34.46 2.95 0.55
N ALA C 66 33.55 1.99 0.48
CA ALA C 66 33.32 1.30 -0.77
C ALA C 66 32.57 2.16 -1.77
N SER C 67 31.79 3.13 -1.32
CA SER C 67 30.82 3.79 -2.21
C SER C 67 31.41 4.37 -3.49
N PRO C 68 32.48 5.17 -3.48
CA PRO C 68 32.91 5.81 -4.74
C PRO C 68 33.52 4.85 -5.75
N LYS C 69 34.26 3.84 -5.30
CA LYS C 69 34.84 2.85 -6.18
C LYS C 69 33.81 1.85 -6.66
N ILE C 70 32.61 1.90 -6.11
CA ILE C 70 31.50 1.09 -6.59
C ILE C 70 30.93 1.65 -7.89
N TYR C 71 30.85 2.96 -7.99
CA TYR C 71 30.36 3.61 -9.20
C TYR C 71 31.27 3.38 -10.39
N GLU C 72 32.58 3.35 -10.16
CA GLU C 72 33.50 3.04 -11.24
C GLU C 72 33.21 1.63 -11.77
N ALA C 73 33.18 0.64 -10.88
CA ALA C 73 32.92 -0.75 -11.25
C ALA C 73 31.59 -0.95 -11.98
N CYS C 74 30.61 -0.11 -11.71
CA CYS C 74 29.34 -0.22 -12.42
C CYS C 74 29.46 0.34 -13.83
N CYS C 75 29.95 1.57 -13.92
CA CYS C 75 30.14 2.24 -15.21
C CYS C 75 31.18 1.54 -16.05
N LYS C 76 32.18 0.96 -15.40
CA LYS C 76 33.26 0.31 -16.12
C LYS C 76 32.79 -0.91 -16.89
N GLY C 77 31.55 -1.35 -16.70
CA GLY C 77 31.17 -2.65 -17.26
C GLY C 77 32.02 -3.73 -16.66
N GLN C 78 32.58 -3.44 -15.48
CA GLN C 78 33.71 -4.14 -14.89
C GLN C 78 33.33 -5.54 -14.45
N HIS C 79 33.79 -6.53 -15.22
CA HIS C 79 33.69 -7.94 -14.89
C HIS C 79 34.54 -8.22 -13.63
N ILE C 80 33.91 -8.75 -12.59
CA ILE C 80 34.59 -9.03 -11.33
C ILE C 80 34.48 -10.52 -11.02
N LYS C 81 35.57 -11.10 -10.50
CA LYS C 81 35.66 -12.57 -10.40
C LYS C 81 34.76 -13.12 -9.31
N GLU C 82 34.85 -12.58 -8.09
CA GLU C 82 34.23 -13.26 -6.96
C GLU C 82 33.79 -12.28 -5.87
N ILE C 83 32.63 -12.58 -5.28
CA ILE C 83 32.17 -11.96 -4.05
C ILE C 83 31.69 -13.08 -3.16
N THR C 84 31.89 -12.93 -1.89
CA THR C 84 31.37 -13.87 -0.94
C THR C 84 30.74 -13.05 0.17
N ILE C 85 29.56 -13.47 0.63
CA ILE C 85 28.80 -12.74 1.65
C ILE C 85 28.51 -13.71 2.79
N GLU C 86 28.49 -13.21 4.02
CA GLU C 86 28.21 -14.07 5.17
C GLU C 86 27.04 -13.58 5.99
N LEU C 87 26.39 -14.55 6.63
CA LEU C 87 25.32 -14.33 7.58
C LEU C 87 25.78 -14.92 8.91
N CYS C 88 25.62 -14.17 10.01
CA CYS C 88 26.10 -14.57 11.32
C CYS C 88 24.99 -14.59 12.36
N ARG C 89 25.16 -15.45 13.35
CA ARG C 89 24.38 -15.53 14.57
C ARG C 89 25.15 -14.77 15.66
N ALA C 90 24.67 -14.84 16.89
CA ALA C 90 25.43 -14.41 18.06
C ALA C 90 26.16 -15.61 18.67
N GLY C 91 26.74 -15.43 19.86
CA GLY C 91 27.59 -16.43 20.49
C GLY C 91 28.87 -16.56 19.68
N GLY C 92 29.49 -15.39 19.47
CA GLY C 92 30.46 -15.06 18.46
C GLY C 92 29.79 -14.35 17.28
N ASP C 93 30.54 -13.43 16.65
CA ASP C 93 30.04 -12.56 15.57
C ASP C 93 29.67 -13.32 14.29
N VAL C 95 30.12 -16.69 14.62
CA VAL C 95 29.74 -17.98 14.08
C VAL C 95 28.96 -17.80 12.75
N LYS C 96 29.69 -17.92 11.64
CA LYS C 96 29.10 -17.80 10.30
C LYS C 96 28.19 -18.98 10.02
N TYR C 97 27.06 -18.73 9.36
CA TYR C 97 26.17 -19.85 9.05
C TYR C 97 25.61 -19.84 7.62
N MET C 98 26.05 -18.97 6.74
CA MET C 98 25.64 -19.05 5.34
C MET C 98 26.68 -18.30 4.52
N GLU C 99 27.27 -18.96 3.53
CA GLU C 99 28.35 -18.41 2.72
C GLU C 99 27.87 -18.40 1.27
N ILE C 100 27.68 -17.21 0.70
CA ILE C 100 27.13 -17.15 -0.68
C ILE C 100 28.23 -16.61 -1.59
N LYS C 101 28.86 -17.50 -2.38
CA LYS C 101 29.97 -17.08 -3.26
C LYS C 101 29.43 -16.91 -4.68
N MET C 102 29.28 -15.67 -5.13
CA MET C 102 28.83 -15.43 -6.52
C MET C 102 30.07 -15.22 -7.39
N GLU C 103 30.12 -15.85 -8.56
CA GLU C 103 31.33 -15.75 -9.42
C GLU C 103 31.02 -15.04 -10.72
N GLN C 104 32.03 -14.49 -11.39
CA GLN C 104 31.85 -13.72 -12.65
C GLN C 104 30.69 -12.76 -12.46
N VAL C 105 30.85 -11.83 -11.51
CA VAL C 105 29.74 -10.89 -11.18
C VAL C 105 29.90 -9.59 -11.98
N LEU C 106 29.00 -8.63 -11.75
CA LEU C 106 29.06 -7.31 -12.42
C LEU C 106 28.07 -6.40 -11.70
N ILE C 107 28.49 -5.19 -11.31
CA ILE C 107 27.53 -4.23 -10.69
C ILE C 107 26.60 -3.72 -11.78
N ALA C 108 25.39 -4.28 -11.85
CA ALA C 108 24.43 -3.87 -12.89
C ALA C 108 23.81 -2.53 -12.49
N LYS C 109 23.17 -2.47 -11.33
CA LYS C 109 22.46 -1.22 -10.95
C LYS C 109 22.76 -0.84 -9.49
N VAL C 110 23.17 0.41 -9.25
CA VAL C 110 23.38 0.88 -7.85
C VAL C 110 22.60 2.18 -7.66
N GLU C 111 21.85 2.31 -6.56
CA GLU C 111 20.98 3.51 -6.39
C GLU C 111 21.22 4.19 -5.06
N PRO C 112 22.12 5.22 -4.92
CA PRO C 112 22.23 5.95 -3.65
C PRO C 112 20.92 6.70 -3.36
N HIS C 113 20.40 6.56 -2.14
CA HIS C 113 19.13 7.23 -1.78
C HIS C 113 19.26 7.99 -0.46
N GLY C 114 18.82 9.25 -0.43
CA GLY C 114 18.83 10.03 0.82
C GLY C 114 17.45 10.62 1.02
N SER C 115 17.02 10.84 2.26
CA SER C 115 15.63 11.29 2.50
C SER C 115 15.52 12.10 3.79
N ALA C 116 16.54 12.04 4.65
CA ALA C 116 16.53 12.73 5.97
C ALA C 116 15.48 12.11 6.90
N ASN C 117 14.19 12.38 6.66
CA ASN C 117 13.09 11.87 7.54
C ASN C 117 13.43 10.50 8.13
N ASP C 118 13.61 9.48 7.28
CA ASP C 118 13.89 8.11 7.79
C ASP C 118 15.21 7.62 7.20
N ASN C 119 16.12 8.54 6.89
CA ASN C 119 17.39 8.14 6.23
C ASN C 119 18.59 8.53 7.09
N GLY C 120 18.52 8.33 8.40
CA GLY C 120 19.72 8.57 9.22
C GLY C 120 20.83 7.73 8.64
N PHE C 121 21.94 8.34 8.19
CA PHE C 121 23.03 7.62 7.48
C PHE C 121 22.49 7.12 6.11
N PRO C 122 22.48 7.91 4.98
CA PRO C 122 21.91 7.42 3.74
C PRO C 122 22.43 6.06 3.25
N SER C 123 21.62 5.37 2.45
CA SER C 123 22.01 4.02 2.00
C SER C 123 21.98 3.93 0.47
N GLU C 124 22.54 2.86 -0.09
CA GLU C 124 22.44 2.66 -1.56
C GLU C 124 22.01 1.22 -1.83
N LYS C 125 21.25 1.00 -2.89
CA LYS C 125 20.78 -0.38 -3.24
C LYS C 125 21.58 -0.89 -4.43
N VAL C 126 22.55 -1.77 -4.19
CA VAL C 126 23.43 -2.26 -5.29
C VAL C 126 22.96 -3.65 -5.71
N SER C 127 22.73 -3.86 -7.01
CA SER C 127 22.33 -5.19 -7.52
C SER C 127 23.54 -5.84 -8.20
N PHE C 128 23.61 -7.17 -8.17
CA PHE C 128 24.79 -7.88 -8.72
C PHE C 128 24.36 -8.92 -9.75
N THR C 129 24.78 -8.73 -11.00
CA THR C 129 24.47 -9.73 -12.05
C THR C 129 25.56 -10.80 -12.01
N TYR C 130 25.25 -11.97 -11.47
CA TYR C 130 26.28 -13.03 -11.33
C TYR C 130 26.21 -13.99 -12.51
N GLY C 131 27.30 -14.74 -12.74
CA GLY C 131 27.27 -15.77 -13.79
C GLY C 131 27.28 -17.12 -13.13
N LYS C 132 27.92 -17.21 -11.96
CA LYS C 132 27.94 -18.48 -11.19
C LYS C 132 27.58 -18.15 -9.75
N ILE C 133 27.20 -19.16 -8.96
CA ILE C 133 26.78 -18.93 -7.55
C ILE C 133 27.16 -20.17 -6.72
N LYS C 134 27.32 -20.00 -5.40
CA LYS C 134 27.62 -21.15 -4.52
C LYS C 134 27.09 -20.88 -3.10
N TRP C 135 26.00 -21.54 -2.72
CA TRP C 135 25.46 -21.38 -1.34
C TRP C 135 26.18 -22.39 -0.43
N THR C 136 26.41 -22.04 0.83
CA THR C 136 27.13 -22.94 1.79
C THR C 136 26.64 -22.70 3.21
N TYR C 137 25.68 -23.50 3.68
CA TYR C 137 25.16 -23.36 5.06
C TYR C 137 26.11 -24.02 6.05
N THR C 138 26.10 -23.58 7.30
CA THR C 138 26.94 -24.22 8.34
C THR C 138 26.11 -24.35 9.62
N GLN C 139 25.47 -25.50 9.81
CA GLN C 139 24.61 -25.70 11.00
C GLN C 139 25.48 -25.78 12.26
N GLN C 140 25.03 -25.19 13.36
CA GLN C 140 25.82 -25.19 14.62
C GLN C 140 25.16 -26.14 15.62
N LYS C 141 25.98 -26.98 16.29
CA LYS C 141 25.45 -27.92 17.31
C LYS C 141 25.33 -27.21 18.65
N ARG C 142 24.51 -27.73 19.56
CA ARG C 142 24.39 -27.14 20.91
C ARG C 142 25.25 -27.94 21.88
N ALA C 143 26.39 -28.46 21.41
CA ALA C 143 27.27 -29.28 22.27
C ALA C 143 28.72 -28.79 22.17
N ASP C 144 29.64 -29.68 21.79
CA ASP C 144 31.09 -29.32 21.74
C ASP C 144 31.37 -28.38 20.56
N GLY C 145 31.26 -28.88 19.33
CA GLY C 145 31.62 -28.06 18.14
C GLY C 145 30.40 -27.60 17.35
N ALA C 146 30.57 -27.44 16.03
CA ALA C 146 29.46 -26.95 15.17
C ALA C 146 28.97 -28.08 14.27
N GLY C 147 28.38 -29.13 14.86
CA GLY C 147 27.89 -30.28 14.08
C GLY C 147 26.87 -29.86 13.05
N GLY C 148 26.95 -30.43 11.84
CA GLY C 148 26.04 -30.05 10.74
C GLY C 148 26.84 -29.96 9.47
N GLY C 149 28.17 -29.94 9.61
CA GLY C 149 29.05 -29.93 8.42
C GLY C 149 28.84 -28.68 7.59
N ASN C 150 28.85 -28.84 6.26
CA ASN C 150 28.74 -27.66 5.36
C ASN C 150 27.86 -28.02 4.17
N VAL C 151 26.56 -28.24 4.42
CA VAL C 151 25.63 -28.52 3.28
C VAL C 151 25.75 -27.37 2.28
N SER C 152 25.99 -27.69 1.00
CA SER C 152 26.23 -26.62 0.01
C SER C 152 25.60 -26.95 -1.34
N SER C 153 25.54 -25.96 -2.25
CA SER C 153 24.97 -26.18 -3.62
C SER C 153 25.49 -25.06 -4.53
N GLY C 154 25.20 -25.14 -5.84
CA GLY C 154 25.74 -24.14 -6.78
C GLY C 154 25.14 -24.23 -8.17
N TRP C 155 25.42 -23.25 -9.03
CA TRP C 155 24.88 -23.23 -10.42
C TRP C 155 25.72 -22.29 -11.30
N ASP C 156 25.83 -22.57 -12.61
CA ASP C 156 26.56 -21.68 -13.55
C ASP C 156 25.62 -21.36 -14.73
N LEU C 157 25.15 -20.12 -14.84
CA LEU C 157 24.16 -19.81 -15.91
C LEU C 157 24.84 -19.42 -17.21
N THR C 158 26.18 -19.26 -17.23
CA THR C 158 26.85 -18.99 -18.53
C THR C 158 26.63 -20.23 -19.39
N ALA C 159 26.94 -21.40 -18.86
CA ALA C 159 26.70 -22.67 -19.56
C ALA C 159 25.39 -23.29 -19.12
N ASN C 160 24.59 -22.54 -18.34
CA ASN C 160 23.20 -22.85 -17.95
C ASN C 160 23.06 -24.21 -17.25
N LYS C 161 24.10 -24.67 -16.54
CA LYS C 161 24.06 -25.90 -15.75
C LYS C 161 24.74 -25.71 -14.38
N ALA C 162 24.65 -26.75 -13.53
CA ALA C 162 24.97 -26.71 -12.10
C ALA C 162 26.47 -26.81 -11.79
N ILE C 163 26.83 -26.55 -10.52
CA ILE C 163 28.21 -26.59 -10.00
C ILE C 163 28.41 -27.76 -9.03
N ALA D 1 18.36 11.93 10.50
CA ALA D 1 18.52 12.85 9.36
C ALA D 1 20.00 13.02 9.06
N PHE D 2 20.36 14.06 8.31
CA PHE D 2 21.76 14.34 8.02
C PHE D 2 21.99 15.86 8.00
N ASP D 3 23.14 16.29 7.42
CA ASP D 3 23.49 17.69 7.25
C ASP D 3 24.00 17.85 5.84
N ALA D 4 23.14 18.06 4.85
CA ALA D 4 23.57 18.15 3.46
C ALA D 4 23.36 19.55 2.86
N PHE D 5 24.24 19.92 1.91
CA PHE D 5 24.34 21.27 1.36
C PHE D 5 24.72 21.19 -0.12
N LEU D 6 24.24 22.13 -0.93
CA LEU D 6 24.52 22.08 -2.37
C LEU D 6 24.96 23.44 -2.92
N LYS D 7 26.02 23.44 -3.74
CA LYS D 7 26.46 24.64 -4.44
C LYS D 7 26.37 24.51 -5.94
N ILE D 8 25.56 25.37 -6.57
CA ILE D 8 25.66 25.64 -8.00
C ILE D 8 26.34 26.99 -8.19
N ASP D 9 27.32 27.08 -9.11
CA ASP D 9 28.10 28.32 -9.25
C ASP D 9 27.22 29.50 -9.68
N GLY D 10 26.34 29.31 -10.67
CA GLY D 10 25.61 30.44 -11.22
C GLY D 10 24.64 31.04 -10.21
N ILE D 11 23.98 30.21 -9.44
CA ILE D 11 22.89 30.62 -8.55
C ILE D 11 23.36 30.44 -7.13
N PRO D 12 23.37 31.49 -6.31
CA PRO D 12 23.71 31.34 -4.89
C PRO D 12 22.50 31.03 -4.00
N GLY D 13 22.79 30.48 -2.82
CA GLY D 13 21.76 30.10 -1.87
C GLY D 13 21.71 30.99 -0.64
N GLU D 14 21.04 30.47 0.42
CA GLU D 14 20.83 31.27 1.62
C GLU D 14 21.12 30.57 2.97
N SER D 15 21.88 29.49 3.03
CA SER D 15 22.20 28.78 4.29
C SER D 15 23.16 29.56 5.19
N SER D 16 23.06 29.31 6.51
CA SER D 16 23.90 29.96 7.51
C SER D 16 24.87 29.04 8.24
N ASP D 17 25.28 27.91 7.65
CA ASP D 17 26.19 27.02 8.39
C ASP D 17 27.54 27.72 8.67
N ASP D 18 28.28 27.23 9.67
CA ASP D 18 29.62 27.78 9.85
C ASP D 18 30.43 27.54 8.58
N LYS D 19 30.47 26.28 8.16
CA LYS D 19 31.27 25.85 7.03
C LYS D 19 30.64 26.16 5.67
N HIS D 20 29.34 26.44 5.59
CA HIS D 20 28.65 26.72 4.32
C HIS D 20 27.77 27.96 4.40
N LYS D 21 28.35 29.14 4.22
CA LYS D 21 27.52 30.34 4.15
C LYS D 21 26.87 30.45 2.77
N ASP D 22 25.66 31.00 2.74
CA ASP D 22 24.84 31.22 1.55
C ASP D 22 24.82 30.06 0.53
N TRP D 23 24.77 28.82 1.02
CA TRP D 23 24.59 27.62 0.19
C TRP D 23 23.11 27.25 0.01
N ILE D 24 22.87 26.11 -0.64
CA ILE D 24 21.54 25.55 -0.78
C ILE D 24 21.46 24.34 0.13
N GLU D 25 20.42 24.33 0.94
CA GLU D 25 20.10 23.18 1.76
C GLU D 25 19.31 22.17 0.95
N ILE D 26 19.69 20.93 1.09
CA ILE D 26 19.15 19.83 0.34
C ILE D 26 18.60 18.86 1.36
N GLN D 27 17.35 18.44 1.18
CA GLN D 27 16.74 17.55 2.16
C GLN D 27 16.62 16.11 1.69
N SER D 28 16.84 15.83 0.42
CA SER D 28 16.83 14.47 -0.08
C SER D 28 17.62 14.44 -1.37
N PHE D 29 18.25 13.32 -1.65
CA PHE D 29 18.89 13.16 -2.95
C PHE D 29 18.64 11.77 -3.47
N ALA D 30 18.76 11.61 -4.78
CA ALA D 30 18.67 10.27 -5.31
C ALA D 30 19.31 10.22 -6.69
N HIS D 31 19.93 9.07 -6.99
CA HIS D 31 20.62 8.87 -8.26
C HIS D 31 20.68 7.37 -8.54
N LYS D 32 20.96 6.99 -9.79
CA LYS D 32 20.97 5.55 -10.16
C LYS D 32 22.01 5.33 -11.25
N LEU D 33 22.78 4.25 -11.18
CA LEU D 33 23.74 3.94 -12.27
C LEU D 33 23.40 2.55 -12.81
N GLU D 34 22.88 2.47 -14.03
CA GLU D 34 22.44 1.15 -14.55
C GLU D 34 23.37 0.67 -15.67
N GLN D 35 23.68 -0.63 -15.69
CA GLN D 35 24.48 -1.21 -16.79
C GLN D 35 23.57 -2.16 -17.54
N PRO D 36 23.02 -1.77 -18.71
CA PRO D 36 22.07 -2.62 -19.44
C PRO D 36 22.78 -3.64 -20.34
N ALA D 37 22.02 -4.36 -21.16
CA ALA D 37 22.60 -5.37 -22.09
C ALA D 37 23.68 -6.19 -21.38
N VAL D 52 27.28 1.88 -21.23
CA VAL D 52 26.69 1.96 -19.87
C VAL D 52 25.82 3.25 -19.71
N ASN D 53 24.80 3.20 -18.83
CA ASN D 53 23.75 4.22 -18.80
C ASN D 53 23.76 5.00 -17.48
N HIS D 54 23.76 6.35 -17.60
CA HIS D 54 23.78 7.30 -16.48
C HIS D 54 22.43 7.96 -16.30
N ALA D 55 21.97 8.02 -15.04
CA ALA D 55 20.73 8.70 -14.66
C ALA D 55 21.04 10.17 -14.33
N ALA D 56 20.11 10.85 -13.66
CA ALA D 56 20.18 12.29 -13.45
C ALA D 56 19.86 12.58 -11.99
N TYR D 57 20.36 13.69 -11.48
CA TYR D 57 20.50 13.87 -10.03
C TYR D 57 19.37 14.65 -9.39
N GLU D 58 18.76 14.06 -8.36
CA GLU D 58 17.62 14.67 -7.70
C GLU D 58 18.02 15.21 -6.34
N ILE D 59 17.45 16.37 -6.01
CA ILE D 59 17.55 16.95 -4.67
C ILE D 59 16.21 17.56 -4.32
N THR D 60 16.03 17.85 -3.04
CA THR D 60 14.90 18.63 -2.58
C THR D 60 15.43 19.83 -1.82
N HIS D 61 14.80 20.98 -2.03
CA HIS D 61 15.12 22.15 -1.22
C HIS D 61 13.87 23.01 -1.12
N PHE D 62 13.82 23.82 -0.06
CA PHE D 62 12.69 24.74 0.10
C PHE D 62 12.70 25.88 -0.92
N LEU D 63 11.53 26.50 -1.08
CA LEU D 63 11.42 27.73 -1.86
C LEU D 63 12.10 28.85 -1.08
N ASP D 64 13.09 29.48 -1.70
CA ASP D 64 13.94 30.44 -1.01
C ASP D 64 14.44 31.46 -2.01
N LYS D 65 15.51 32.16 -1.63
CA LYS D 65 16.13 33.14 -2.50
C LYS D 65 16.65 32.50 -3.79
N ALA D 66 17.15 31.25 -3.71
CA ALA D 66 17.72 30.58 -4.88
C ALA D 66 16.69 30.05 -5.87
N SER D 67 15.44 29.84 -5.44
CA SER D 67 14.42 29.18 -6.25
C SER D 67 14.23 29.76 -7.64
N PRO D 68 14.10 31.09 -7.83
CA PRO D 68 13.75 31.60 -9.15
C PRO D 68 14.82 31.42 -10.21
N LYS D 69 16.10 31.53 -9.85
CA LYS D 69 17.12 31.47 -10.88
C LYS D 69 17.27 30.08 -11.47
N ILE D 70 16.77 29.04 -10.82
CA ILE D 70 16.73 27.73 -11.45
C ILE D 70 15.52 27.61 -12.40
N TYR D 71 14.38 28.19 -12.00
CA TYR D 71 13.17 28.11 -12.82
C TYR D 71 13.45 28.67 -14.19
N GLU D 72 14.40 29.60 -14.26
CA GLU D 72 14.89 30.09 -15.56
C GLU D 72 15.66 28.98 -16.26
N ALA D 73 16.73 28.48 -15.62
CA ALA D 73 17.53 27.39 -16.19
C ALA D 73 16.70 26.15 -16.49
N CYS D 74 15.57 25.94 -15.80
CA CYS D 74 14.68 24.85 -16.21
C CYS D 74 13.91 25.19 -17.45
N CYS D 75 13.16 26.30 -17.39
CA CYS D 75 12.34 26.70 -18.53
C CYS D 75 13.21 27.23 -19.66
N LYS D 76 14.30 27.95 -19.33
CA LYS D 76 15.25 28.42 -20.34
C LYS D 76 16.31 27.40 -20.75
N GLY D 77 16.64 26.40 -19.93
CA GLY D 77 17.76 25.52 -20.27
C GLY D 77 19.21 25.98 -20.12
N GLN D 78 19.54 26.75 -19.05
CA GLN D 78 20.86 27.40 -18.89
C GLN D 78 21.99 26.40 -18.59
N HIS D 79 22.99 26.31 -19.51
CA HIS D 79 24.22 25.52 -19.32
C HIS D 79 25.12 26.09 -18.21
N ILE D 80 25.33 25.33 -17.14
CA ILE D 80 26.13 25.78 -16.00
C ILE D 80 27.40 24.96 -15.78
N LYS D 81 28.43 25.66 -15.27
CA LYS D 81 29.77 25.03 -15.13
C LYS D 81 29.81 23.92 -14.08
N GLU D 82 29.71 24.26 -12.80
CA GLU D 82 29.93 23.20 -11.79
C GLU D 82 28.95 23.25 -10.62
N ILE D 83 28.42 22.09 -10.21
CA ILE D 83 27.57 22.02 -8.99
C ILE D 83 28.21 21.03 -8.01
N THR D 84 28.07 21.26 -6.70
CA THR D 84 28.75 20.38 -5.71
C THR D 84 27.90 20.09 -4.48
N ILE D 85 27.86 18.83 -4.05
CA ILE D 85 27.12 18.45 -2.83
C ILE D 85 28.08 17.95 -1.75
N GLU D 86 27.83 18.38 -0.51
CA GLU D 86 28.69 17.99 0.63
C GLU D 86 27.84 17.34 1.71
N LEU D 87 27.87 16.01 1.80
CA LEU D 87 27.15 15.32 2.90
C LEU D 87 28.06 15.38 4.12
N CYS D 88 27.61 15.99 5.21
CA CYS D 88 28.46 16.15 6.40
C CYS D 88 27.84 15.42 7.59
N ARG D 89 28.69 14.91 8.49
CA ARG D 89 28.17 14.26 9.72
C ARG D 89 27.87 15.39 10.72
N ALA D 90 27.31 15.05 11.87
CA ALA D 90 27.10 16.10 12.91
C ALA D 90 28.42 16.30 13.66
N GLY D 91 28.65 15.50 14.71
CA GLY D 91 29.89 15.61 15.51
C GLY D 91 30.24 17.05 15.82
N GLY D 92 29.27 17.81 16.35
CA GLY D 92 29.51 19.25 16.59
C GLY D 92 29.92 19.93 15.30
N ASP D 93 31.20 20.28 15.16
CA ASP D 93 31.69 20.86 13.89
C ASP D 93 31.37 19.87 12.77
N LYS D 94 30.56 20.28 11.79
CA LYS D 94 30.20 19.41 10.65
C LYS D 94 31.47 18.75 10.10
N VAL D 95 31.47 17.43 9.99
CA VAL D 95 32.65 16.70 9.42
C VAL D 95 32.26 16.18 8.04
N LYS D 96 32.66 16.88 6.97
CA LYS D 96 32.20 16.46 5.63
C LYS D 96 32.64 15.02 5.34
N TYR D 97 31.68 14.14 5.07
CA TYR D 97 32.00 12.77 4.70
C TYR D 97 31.73 12.37 3.24
N MET D 98 31.26 13.27 2.36
CA MET D 98 31.06 12.91 0.95
C MET D 98 30.91 14.16 0.10
N GLU D 99 31.62 14.20 -1.01
CA GLU D 99 31.67 15.38 -1.87
C GLU D 99 31.34 14.96 -3.28
N ILE D 100 30.28 15.50 -3.86
CA ILE D 100 29.90 15.21 -5.24
C ILE D 100 30.08 16.46 -6.09
N LYS D 101 30.97 16.41 -7.08
CA LYS D 101 31.27 17.53 -7.99
C LYS D 101 30.85 17.18 -9.42
N MET D 102 30.07 18.04 -10.04
CA MET D 102 29.56 17.77 -11.39
C MET D 102 29.77 18.97 -12.30
N GLU D 103 30.39 18.72 -13.45
CA GLU D 103 30.72 19.76 -14.42
C GLU D 103 29.91 19.59 -15.71
N GLN D 104 29.89 20.67 -16.49
CA GLN D 104 29.13 20.72 -17.73
C GLN D 104 27.69 20.32 -17.43
N VAL D 105 27.08 21.11 -16.56
CA VAL D 105 25.81 20.74 -15.97
C VAL D 105 24.70 21.40 -16.78
N LEU D 106 23.47 20.95 -16.58
CA LEU D 106 22.29 21.56 -17.18
C LEU D 106 21.14 21.23 -16.26
N ILE D 107 20.49 22.25 -15.70
CA ILE D 107 19.36 21.98 -14.82
C ILE D 107 18.23 21.44 -15.68
N ALA D 108 17.88 20.18 -15.45
CA ALA D 108 16.79 19.55 -16.18
C ALA D 108 15.47 19.90 -15.49
N LYS D 109 14.44 19.11 -15.77
CA LYS D 109 13.10 19.37 -15.30
C LYS D 109 13.07 19.93 -13.88
N VAL D 110 12.26 20.95 -13.62
CA VAL D 110 12.10 21.47 -12.27
C VAL D 110 10.65 21.18 -11.89
N GLU D 111 10.48 20.69 -10.67
CA GLU D 111 9.23 20.16 -10.18
C GLU D 111 9.00 20.62 -8.76
N PRO D 112 8.05 21.53 -8.52
CA PRO D 112 7.71 21.93 -7.15
C PRO D 112 6.63 21.12 -6.47
N HIS D 113 6.90 20.51 -5.30
CA HIS D 113 5.88 19.87 -4.48
C HIS D 113 5.78 20.47 -3.07
N GLY D 114 4.59 20.41 -2.48
CA GLY D 114 4.38 20.83 -1.09
C GLY D 114 3.18 20.12 -0.50
N SER D 115 3.27 19.55 0.73
CA SER D 115 2.24 18.68 1.29
C SER D 115 1.57 19.19 2.57
N ALA D 116 1.79 20.47 2.93
CA ALA D 116 1.14 21.23 4.00
C ALA D 116 1.24 20.58 5.39
N ASN D 117 2.06 19.51 5.57
CA ASN D 117 2.40 18.99 6.90
C ASN D 117 3.90 18.93 7.14
N ASP D 118 4.71 19.10 6.09
CA ASP D 118 6.14 19.45 6.19
C ASP D 118 6.22 20.98 6.11
N ASN D 119 6.31 21.62 7.27
CA ASN D 119 6.12 23.07 7.40
C ASN D 119 7.02 23.91 6.52
N PHE D 121 5.34 25.17 3.95
CA PHE D 121 6.06 25.94 2.94
C PHE D 121 6.36 25.01 1.78
N PRO D 122 6.26 25.56 0.57
CA PRO D 122 6.46 24.75 -0.64
C PRO D 122 7.91 24.28 -0.77
N SER D 123 8.08 23.19 -1.52
CA SER D 123 9.36 22.52 -1.75
C SER D 123 9.53 22.32 -3.26
N GLU D 124 10.66 21.77 -3.69
CA GLU D 124 10.79 21.38 -5.09
C GLU D 124 11.92 20.39 -5.30
N LYS D 125 11.79 19.62 -6.38
CA LYS D 125 12.75 18.62 -6.77
C LYS D 125 13.39 19.04 -8.08
N VAL D 126 14.70 19.21 -8.05
CA VAL D 126 15.50 19.65 -9.19
C VAL D 126 16.35 18.49 -9.65
N SER D 127 16.45 18.32 -10.96
CA SER D 127 17.20 17.23 -11.55
C SER D 127 18.32 17.84 -12.38
N PHE D 128 19.54 17.31 -12.21
CA PHE D 128 20.76 17.85 -12.80
C PHE D 128 21.35 16.82 -13.76
N THR D 129 21.66 17.24 -14.98
CA THR D 129 22.46 16.43 -15.86
C THR D 129 23.86 17.02 -15.96
N TYR D 130 24.82 16.17 -16.26
CA TYR D 130 26.23 16.53 -16.16
C TYR D 130 27.00 15.72 -17.18
N GLY D 131 28.28 16.05 -17.32
CA GLY D 131 29.15 15.30 -18.20
C GLY D 131 30.26 14.66 -17.41
N LYS D 132 30.47 15.13 -16.18
CA LYS D 132 31.48 14.61 -15.28
C LYS D 132 30.96 14.57 -13.85
N ILE D 133 31.39 13.53 -13.11
CA ILE D 133 31.00 13.36 -11.68
C ILE D 133 32.24 13.18 -10.80
N LYS D 134 32.09 13.30 -9.48
CA LYS D 134 33.23 13.10 -8.54
C LYS D 134 32.65 12.64 -7.20
N TRP D 135 33.32 11.71 -6.51
CA TRP D 135 32.86 11.24 -5.17
C TRP D 135 34.08 11.23 -4.25
N THR D 136 34.12 12.09 -3.22
CA THR D 136 35.32 12.22 -2.38
C THR D 136 34.88 11.84 -0.98
N TYR D 137 35.00 10.55 -0.70
CA TYR D 137 34.61 10.02 0.59
C TYR D 137 35.72 10.28 1.58
N THR D 138 35.39 10.84 2.75
CA THR D 138 36.38 11.13 3.79
C THR D 138 36.05 10.32 5.05
N GLN D 139 36.98 9.46 5.47
CA GLN D 139 36.69 8.56 6.61
C GLN D 139 37.27 9.13 7.90
N GLN D 140 36.78 8.65 9.05
CA GLN D 140 37.34 9.08 10.36
C GLN D 140 38.30 7.98 10.83
N LYS D 141 39.03 8.21 11.93
CA LYS D 141 40.02 7.22 12.42
C LYS D 141 40.18 7.38 13.93
N ARG D 142 39.50 8.35 14.53
CA ARG D 142 39.62 8.62 15.99
C ARG D 142 41.11 8.68 16.36
N ALA D 143 41.57 7.77 17.22
CA ALA D 143 42.99 7.72 17.60
C ALA D 143 43.51 6.29 17.41
N ASP D 144 42.79 5.49 16.63
CA ASP D 144 43.18 4.06 16.44
C ASP D 144 43.47 3.83 14.95
N GLY D 148 41.99 9.88 8.05
CA GLY D 148 41.84 8.44 7.98
C GLY D 148 41.76 7.82 6.59
N GLY D 149 41.45 8.63 5.58
CA GLY D 149 41.42 8.18 4.20
C GLY D 149 40.52 9.01 3.28
N ASN D 150 40.88 9.09 2.00
CA ASN D 150 40.15 9.87 1.00
C ASN D 150 39.94 9.06 -0.28
N VAL D 151 39.29 7.90 -0.17
CA VAL D 151 39.05 7.08 -1.37
C VAL D 151 37.99 7.73 -2.26
N SER D 152 38.35 7.97 -3.51
CA SER D 152 37.56 8.72 -4.46
C SER D 152 37.55 8.03 -5.81
N SER D 153 36.74 8.58 -6.71
CA SER D 153 36.58 8.03 -8.08
C SER D 153 35.86 9.08 -8.93
N GLY D 154 35.67 8.83 -10.22
CA GLY D 154 34.97 9.78 -11.10
C GLY D 154 34.67 9.16 -12.45
N TRP D 155 33.75 9.75 -13.22
CA TRP D 155 33.44 9.23 -14.58
C TRP D 155 33.04 10.38 -15.51
N ASP D 156 33.78 10.56 -16.60
CA ASP D 156 33.42 11.59 -17.60
C ASP D 156 32.59 10.90 -18.68
N LEU D 157 31.27 11.12 -18.69
CA LEU D 157 30.42 10.40 -19.66
C LEU D 157 30.49 11.05 -21.04
N THR D 158 31.02 12.27 -21.14
CA THR D 158 31.20 12.89 -22.48
C THR D 158 32.13 11.98 -23.30
N ALA D 159 33.12 11.38 -22.65
CA ALA D 159 34.03 10.42 -23.35
C ALA D 159 33.79 9.02 -22.78
N ASN D 160 32.73 8.85 -21.98
CA ASN D 160 32.42 7.53 -21.35
C ASN D 160 33.71 6.86 -20.85
N LYS D 161 34.46 7.55 -19.99
CA LYS D 161 35.74 7.00 -19.48
C LYS D 161 35.92 7.43 -18.03
N ALA D 162 37.03 7.03 -17.39
CA ALA D 162 37.24 7.32 -15.96
C ALA D 162 37.79 8.74 -15.76
N ILE D 163 38.07 9.11 -14.51
CA ILE D 163 38.60 10.47 -14.19
C ILE D 163 39.74 10.31 -13.19
N ALA E 1 -16.18 -7.76 15.86
CA ALA E 1 -16.85 -7.72 17.16
C ALA E 1 -18.32 -8.15 17.03
N PHE E 2 -18.67 -8.67 15.85
CA PHE E 2 -20.04 -9.05 15.55
C PHE E 2 -20.27 -10.55 15.79
N ASP E 3 -21.42 -11.02 15.32
CA ASP E 3 -21.86 -12.41 15.40
C ASP E 3 -22.47 -12.83 14.06
N ALA E 4 -21.69 -13.44 13.19
CA ALA E 4 -22.21 -13.81 11.88
C ALA E 4 -22.09 -15.31 11.68
N PHE E 5 -23.00 -15.86 10.85
CA PHE E 5 -23.16 -17.30 10.65
C PHE E 5 -23.52 -17.63 9.20
N LEU E 6 -23.00 -18.75 8.70
CA LEU E 6 -23.27 -19.17 7.30
C LEU E 6 -23.62 -20.66 7.26
N LYS E 7 -24.53 -21.06 6.36
CA LYS E 7 -24.87 -22.50 6.21
C LYS E 7 -24.74 -22.87 4.73
N ILE E 8 -24.00 -23.94 4.42
CA ILE E 8 -23.92 -24.42 3.01
C ILE E 8 -24.76 -25.70 2.93
N ASP E 9 -25.64 -25.81 1.93
CA ASP E 9 -26.56 -26.98 1.81
C ASP E 9 -25.79 -28.28 2.00
N GLY E 10 -24.80 -28.55 1.16
CA GLY E 10 -24.12 -29.86 1.22
C GLY E 10 -22.95 -29.90 2.19
N ILE E 11 -22.42 -28.75 2.59
CA ILE E 11 -21.20 -28.77 3.44
C ILE E 11 -21.53 -28.17 4.81
N PRO E 12 -21.60 -28.98 5.89
CA PRO E 12 -21.83 -28.43 7.23
C PRO E 12 -20.51 -28.03 7.90
N GLY E 13 -20.59 -27.44 9.09
CA GLY E 13 -19.38 -26.98 9.77
C GLY E 13 -19.27 -27.50 11.18
N GLU E 14 -18.72 -26.69 12.09
CA GLU E 14 -18.52 -27.15 13.48
C GLU E 14 -18.88 -26.02 14.45
N SER E 15 -19.93 -25.26 14.15
CA SER E 15 -20.38 -24.21 15.10
C SER E 15 -20.93 -24.89 16.36
N SER E 16 -20.81 -24.23 17.50
CA SER E 16 -21.36 -24.79 18.77
C SER E 16 -22.65 -24.03 19.09
N ASP E 17 -23.01 -23.06 18.26
CA ASP E 17 -24.20 -22.23 18.54
C ASP E 17 -25.45 -23.11 18.58
N ASP E 18 -26.26 -22.93 19.62
CA ASP E 18 -27.50 -23.73 19.77
C ASP E 18 -28.38 -23.55 18.52
N LYS E 19 -28.82 -22.31 18.26
CA LYS E 19 -29.75 -22.07 17.12
C LYS E 19 -29.05 -22.42 15.81
N HIS E 20 -27.74 -22.15 15.72
CA HIS E 20 -27.02 -22.38 14.44
C HIS E 20 -26.41 -23.78 14.45
N LYS E 21 -27.01 -24.74 15.16
CA LYS E 21 -26.57 -26.15 15.16
C LYS E 21 -25.07 -26.29 14.89
N ASP E 22 -24.73 -26.86 13.73
CA ASP E 22 -23.30 -26.99 13.33
C ASP E 22 -23.12 -26.23 12.02
N TRP E 23 -23.29 -24.91 12.06
CA TRP E 23 -23.14 -24.07 10.85
C TRP E 23 -21.67 -23.67 10.70
N ILE E 24 -21.41 -22.58 9.96
CA ILE E 24 -20.01 -22.09 9.78
C ILE E 24 -19.95 -20.66 10.33
N GLU E 25 -19.05 -20.42 11.30
CA GLU E 25 -18.91 -19.05 11.86
C GLU E 25 -18.02 -18.22 10.94
N ILE E 26 -18.52 -17.07 10.48
CA ILE E 26 -17.75 -16.23 9.51
C ILE E 26 -17.15 -15.04 10.26
N GLN E 27 -15.94 -14.63 9.89
CA GLN E 27 -15.24 -13.53 10.60
C GLN E 27 -15.20 -12.27 9.73
N SER E 28 -15.61 -12.37 8.45
CA SER E 28 -15.67 -11.18 7.55
C SER E 28 -16.58 -11.50 6.37
N PHE E 29 -17.30 -10.50 5.86
CA PHE E 29 -18.16 -10.71 4.67
C PHE E 29 -18.12 -9.46 3.78
N ALA E 30 -18.43 -9.62 2.48
CA ALA E 30 -18.41 -8.49 1.52
C ALA E 30 -19.16 -8.85 0.24
N HIS E 31 -19.64 -7.84 -0.48
CA HIS E 31 -20.36 -8.05 -1.77
C HIS E 31 -20.35 -6.74 -2.57
N LYS E 32 -20.83 -6.77 -3.82
CA LYS E 32 -20.86 -5.56 -4.69
C LYS E 32 -21.89 -5.75 -5.81
N LEU E 33 -22.85 -4.83 -5.92
CA LEU E 33 -23.85 -4.92 -7.02
C LEU E 33 -23.82 -3.63 -7.84
N GLU E 34 -23.11 -3.63 -8.98
CA GLU E 34 -22.98 -2.46 -9.89
C GLU E 34 -24.10 -2.47 -10.94
N GLN E 35 -23.91 -1.74 -12.05
CA GLN E 35 -24.95 -1.63 -13.11
C GLN E 35 -24.28 -1.75 -14.48
N ALA E 49 -28.32 0.99 -20.88
CA ALA E 49 -28.98 0.08 -19.92
C ALA E 49 -28.80 -1.38 -20.36
N GLU E 50 -27.65 -1.99 -20.02
CA GLU E 50 -27.39 -3.40 -20.40
C GLU E 50 -27.97 -4.31 -19.31
N ARG E 51 -27.29 -4.39 -18.15
CA ARG E 51 -27.76 -5.28 -17.04
C ARG E 51 -27.21 -4.76 -15.71
N VAL E 52 -27.14 -5.64 -14.70
CA VAL E 52 -26.59 -5.26 -13.37
C VAL E 52 -25.38 -6.15 -13.09
N ASN E 53 -24.30 -5.56 -12.55
CA ASN E 53 -23.06 -6.34 -12.33
C ASN E 53 -23.08 -6.94 -10.91
N HIS E 54 -23.58 -8.16 -10.78
CA HIS E 54 -23.59 -8.85 -9.46
C HIS E 54 -22.24 -9.54 -9.26
N ALA E 55 -21.58 -9.30 -8.13
CA ALA E 55 -20.24 -9.89 -7.92
C ALA E 55 -20.34 -11.19 -7.13
N ALA E 56 -19.27 -11.55 -6.42
CA ALA E 56 -19.27 -12.81 -5.64
C ALA E 56 -19.37 -12.47 -4.16
N TYR E 57 -19.97 -13.37 -3.37
CA TYR E 57 -20.06 -13.13 -1.91
C TYR E 57 -18.79 -13.69 -1.26
N GLU E 58 -17.89 -12.79 -0.85
CA GLU E 58 -16.64 -13.22 -0.19
C GLU E 58 -16.93 -13.40 1.29
N ILE E 59 -16.58 -14.56 1.85
CA ILE E 59 -16.78 -14.83 3.30
C ILE E 59 -15.46 -15.36 3.84
N THR E 60 -14.87 -14.69 4.82
CA THR E 60 -13.64 -15.22 5.45
C THR E 60 -14.04 -15.98 6.71
N HIS E 61 -13.42 -17.13 6.94
CA HIS E 61 -13.72 -17.94 8.14
C HIS E 61 -12.48 -18.79 8.47
N PHE E 62 -12.32 -19.13 9.74
CA PHE E 62 -11.11 -19.89 10.17
C PHE E 62 -11.10 -21.25 9.49
N LEU E 63 -9.91 -21.78 9.18
CA LEU E 63 -9.82 -23.15 8.60
C LEU E 63 -10.61 -24.09 9.50
N ASP E 64 -11.67 -24.71 8.98
CA ASP E 64 -12.54 -25.53 9.87
C ASP E 64 -12.81 -26.91 9.27
N LYS E 65 -13.77 -27.64 9.82
CA LYS E 65 -14.14 -28.99 9.33
C LYS E 65 -14.65 -28.88 7.89
N ALA E 66 -15.25 -27.75 7.55
CA ALA E 66 -15.84 -27.59 6.20
C ALA E 66 -14.73 -27.36 5.18
N SER E 67 -13.61 -26.76 5.60
CA SER E 67 -12.54 -26.40 4.64
C SER E 67 -12.25 -27.51 3.63
N PRO E 68 -11.86 -28.75 3.99
CA PRO E 68 -11.53 -29.76 2.98
C PRO E 68 -12.65 -29.93 1.93
N LYS E 69 -13.89 -30.02 2.36
CA LYS E 69 -15.02 -30.26 1.41
C LYS E 69 -15.19 -29.00 0.55
N ILE E 70 -15.09 -27.82 1.15
CA ILE E 70 -15.21 -26.54 0.40
C ILE E 70 -14.16 -26.57 -0.72
N TYR E 71 -12.93 -26.96 -0.39
CA TYR E 71 -11.86 -27.05 -1.40
C TYR E 71 -12.34 -27.91 -2.57
N GLU E 72 -12.65 -29.19 -2.29
CA GLU E 72 -13.04 -30.12 -3.38
C GLU E 72 -14.21 -29.54 -4.17
N ALA E 73 -15.23 -29.02 -3.49
CA ALA E 73 -16.42 -28.49 -4.19
C ALA E 73 -16.01 -27.48 -5.25
N CYS E 74 -15.10 -26.56 -4.91
CA CYS E 74 -14.61 -25.57 -5.89
C CYS E 74 -13.96 -26.29 -7.06
N CYS E 75 -13.01 -27.18 -6.79
CA CYS E 75 -12.27 -27.86 -7.88
C CYS E 75 -13.25 -28.64 -8.77
N LYS E 76 -14.22 -29.34 -8.16
CA LYS E 76 -15.16 -30.18 -8.93
C LYS E 76 -16.16 -29.31 -9.68
N GLY E 77 -16.35 -28.08 -9.23
CA GLY E 77 -17.41 -27.23 -9.84
C GLY E 77 -18.76 -27.66 -9.32
N GLN E 78 -18.80 -28.21 -8.10
CA GLN E 78 -20.06 -28.71 -7.52
C GLN E 78 -21.09 -27.58 -7.46
N HIS E 79 -22.16 -27.70 -8.23
CA HIS E 79 -23.24 -26.69 -8.20
C HIS E 79 -24.07 -26.91 -6.94
N ILE E 80 -23.86 -26.10 -5.90
CA ILE E 80 -24.64 -26.24 -4.64
C ILE E 80 -26.04 -25.65 -4.86
N LYS E 81 -27.02 -26.10 -4.08
CA LYS E 81 -28.40 -25.64 -4.25
C LYS E 81 -28.66 -24.31 -3.55
N GLU E 82 -28.26 -24.20 -2.29
CA GLU E 82 -28.74 -23.10 -1.46
C GLU E 82 -27.68 -22.80 -0.41
N ILE E 83 -27.45 -21.52 -0.10
CA ILE E 83 -26.58 -21.13 1.02
C ILE E 83 -27.20 -19.95 1.75
N THR E 84 -27.03 -19.90 3.05
CA THR E 84 -27.65 -18.83 3.83
C THR E 84 -26.67 -18.18 4.78
N ILE E 85 -26.84 -16.87 4.97
CA ILE E 85 -26.03 -16.04 5.85
C ILE E 85 -26.96 -15.41 6.87
N GLU E 86 -26.55 -15.38 8.13
CA GLU E 86 -27.32 -14.68 9.17
C GLU E 86 -26.43 -13.76 9.98
N LEU E 87 -27.00 -12.63 10.39
CA LEU E 87 -26.28 -11.68 11.21
C LEU E 87 -27.03 -11.47 12.52
N CYS E 88 -26.36 -11.72 13.63
CA CYS E 88 -27.00 -11.58 14.96
C CYS E 88 -26.23 -10.52 15.73
N ARG E 89 -26.86 -9.92 16.75
CA ARG E 89 -26.13 -8.94 17.59
C ARG E 89 -25.72 -9.63 18.88
N ALA E 90 -24.85 -9.00 19.66
CA ALA E 90 -24.42 -9.58 20.95
C ALA E 90 -25.48 -9.29 22.01
N GLY E 92 -28.22 -8.71 25.20
CA GLY E 92 -29.25 -9.64 24.67
C GLY E 92 -28.82 -10.19 23.32
N ASP E 93 -28.48 -11.48 23.27
CA ASP E 93 -27.96 -12.06 22.00
C ASP E 93 -29.10 -12.58 21.13
N LYS E 94 -28.77 -13.34 20.08
CA LYS E 94 -29.79 -13.93 19.16
C LYS E 94 -30.62 -12.85 18.48
N VAL E 95 -30.18 -11.59 18.54
CA VAL E 95 -30.98 -10.48 17.94
C VAL E 95 -30.59 -10.58 16.47
N LYS E 96 -31.17 -11.54 15.75
CA LYS E 96 -30.89 -11.66 14.30
C LYS E 96 -31.38 -10.39 13.63
N TYR E 97 -30.59 -9.83 12.71
CA TYR E 97 -31.05 -8.63 11.98
C TYR E 97 -30.92 -8.84 10.47
N MET E 98 -30.20 -9.86 10.01
CA MET E 98 -30.11 -9.95 8.55
C MET E 98 -29.85 -11.38 8.09
N GLU E 99 -30.66 -11.84 7.14
CA GLU E 99 -30.58 -13.19 6.58
C GLU E 99 -30.35 -13.13 5.08
N ILE E 100 -29.24 -13.70 4.58
CA ILE E 100 -28.90 -13.64 3.16
C ILE E 100 -28.96 -15.07 2.58
N LYS E 101 -29.89 -15.36 1.67
CA LYS E 101 -30.07 -16.71 1.13
C LYS E 101 -29.86 -16.70 -0.37
N MET E 102 -28.94 -17.54 -0.87
CA MET E 102 -28.63 -17.61 -2.30
C MET E 102 -28.78 -19.03 -2.86
N GLU E 103 -29.40 -19.14 -4.04
CA GLU E 103 -29.69 -20.42 -4.70
C GLU E 103 -28.92 -20.55 -6.01
N GLN E 104 -28.84 -21.79 -6.49
CA GLN E 104 -28.07 -22.15 -7.68
C GLN E 104 -26.64 -21.64 -7.57
N VAL E 105 -25.99 -21.99 -6.46
CA VAL E 105 -24.69 -21.48 -6.01
C VAL E 105 -23.53 -22.28 -6.61
N LEU E 106 -22.30 -21.74 -6.50
CA LEU E 106 -21.12 -22.44 -7.00
C LEU E 106 -19.85 -21.79 -6.45
N ILE E 107 -19.07 -22.50 -5.64
CA ILE E 107 -17.84 -21.94 -5.06
C ILE E 107 -16.85 -21.66 -6.19
N ALA E 108 -16.57 -20.37 -6.42
CA ALA E 108 -15.65 -20.00 -7.50
C ALA E 108 -14.19 -20.11 -7.08
N LYS E 109 -13.82 -19.46 -5.97
CA LYS E 109 -12.44 -19.33 -5.50
C LYS E 109 -12.39 -19.49 -3.97
N VAL E 110 -11.34 -20.16 -3.47
CA VAL E 110 -11.15 -20.27 -2.00
C VAL E 110 -9.66 -20.06 -1.72
N GLU E 111 -9.32 -19.14 -0.81
CA GLU E 111 -7.88 -18.81 -0.61
C GLU E 111 -7.47 -18.97 0.84
N PRO E 112 -6.89 -20.12 1.26
CA PRO E 112 -6.35 -20.25 2.61
C PRO E 112 -5.09 -19.41 2.85
N HIS E 113 -4.84 -19.02 4.10
CA HIS E 113 -3.64 -18.22 4.43
C HIS E 113 -3.28 -18.40 5.90
N GLY E 114 -2.07 -17.99 6.29
CA GLY E 114 -1.63 -18.08 7.70
C GLY E 114 -0.36 -17.27 7.85
N SER E 115 0.03 -16.89 9.07
CA SER E 115 1.19 -16.03 9.16
C SER E 115 2.00 -16.20 10.42
N ALA E 116 1.58 -17.02 11.40
CA ALA E 116 2.30 -17.22 12.65
C ALA E 116 2.41 -15.93 13.44
N ASN E 117 1.60 -14.93 13.05
CA ASN E 117 1.59 -13.66 13.82
C ASN E 117 0.16 -13.36 14.26
N ASP E 118 -0.71 -13.02 13.30
CA ASP E 118 -2.11 -12.64 13.62
C ASP E 118 -2.73 -13.65 14.59
N ASN E 119 -3.08 -13.20 15.80
CA ASN E 119 -3.75 -14.08 16.79
C ASN E 119 -5.12 -14.48 16.24
N PHE E 121 -5.05 -16.84 14.07
CA PHE E 121 -5.44 -18.21 13.66
C PHE E 121 -5.57 -18.24 12.13
N PRO E 122 -4.98 -19.24 11.44
CA PRO E 122 -5.02 -19.29 9.99
C PRO E 122 -6.47 -19.39 9.51
N SER E 123 -6.78 -18.66 8.44
CA SER E 123 -8.18 -18.62 7.99
C SER E 123 -8.22 -18.77 6.47
N GLU E 124 -9.41 -18.98 5.92
CA GLU E 124 -9.52 -19.02 4.45
C GLU E 124 -10.66 -18.10 4.05
N LYS E 125 -10.65 -17.63 2.80
CA LYS E 125 -11.75 -16.78 2.29
C LYS E 125 -12.45 -17.50 1.14
N VAL E 126 -13.75 -17.73 1.26
CA VAL E 126 -14.49 -18.49 0.22
C VAL E 126 -15.40 -17.53 -0.55
N SER E 127 -15.36 -17.60 -1.89
CA SER E 127 -16.21 -16.72 -2.72
C SER E 127 -17.39 -17.53 -3.27
N PHE E 128 -18.56 -16.92 -3.42
CA PHE E 128 -19.75 -17.63 -3.87
C PHE E 128 -20.40 -16.92 -5.03
N THR E 129 -20.51 -17.64 -6.15
CA THR E 129 -21.33 -17.26 -7.27
C THR E 129 -22.65 -18.00 -7.15
N TYR E 130 -23.76 -17.32 -7.44
CA TYR E 130 -25.11 -17.85 -7.22
C TYR E 130 -25.96 -17.52 -8.44
N GLY E 131 -27.22 -17.97 -8.42
CA GLY E 131 -28.16 -17.68 -9.50
C GLY E 131 -29.42 -17.00 -9.03
N LYS E 132 -29.64 -17.01 -7.71
CA LYS E 132 -30.81 -16.43 -7.07
C LYS E 132 -30.36 -15.88 -5.72
N ILE E 133 -31.00 -14.83 -5.22
CA ILE E 133 -30.56 -14.21 -3.97
C ILE E 133 -31.78 -13.71 -3.19
N LYS E 134 -31.61 -13.59 -1.88
CA LYS E 134 -32.69 -13.16 -0.99
C LYS E 134 -32.08 -12.45 0.20
N TRP E 135 -32.49 -11.21 0.44
CA TRP E 135 -32.06 -10.47 1.62
C TRP E 135 -33.26 -10.33 2.57
N THR E 136 -33.04 -10.44 3.90
CA THR E 136 -34.16 -10.37 4.86
C THR E 136 -33.73 -9.65 6.15
N TYR E 137 -33.96 -8.34 6.19
CA TYR E 137 -33.69 -7.53 7.37
C TYR E 137 -34.84 -7.68 8.32
N THR E 138 -34.53 -7.83 9.60
CA THR E 138 -35.55 -7.84 10.64
C THR E 138 -35.16 -6.86 11.72
N GLN E 139 -36.04 -5.90 12.02
CA GLN E 139 -35.74 -4.93 13.04
C GLN E 139 -36.49 -5.26 14.34
N GLN E 140 -35.91 -4.93 15.49
CA GLN E 140 -36.56 -5.09 16.79
C GLN E 140 -37.17 -3.75 17.13
N ARG E 142 -38.45 -0.90 20.30
CA ARG E 142 -38.11 -0.35 21.60
C ARG E 142 -39.30 -0.22 22.53
N ALA E 143 -40.52 -0.14 21.99
CA ALA E 143 -41.77 -0.02 22.76
C ALA E 143 -42.48 -1.37 22.94
N ASP E 144 -41.79 -2.50 22.68
CA ASP E 144 -42.30 -3.88 22.62
C ASP E 144 -43.25 -4.19 21.46
N GLY E 147 -41.23 -4.08 15.52
CA GLY E 147 -41.58 -3.21 14.42
C GLY E 147 -40.59 -3.29 13.29
N GLY E 148 -41.12 -3.11 12.08
CA GLY E 148 -40.39 -3.34 10.85
C GLY E 148 -40.54 -4.74 10.32
N GLY E 149 -40.73 -5.73 11.22
CA GLY E 149 -40.97 -7.08 10.77
C GLY E 149 -39.74 -7.55 10.00
N ASN E 150 -40.01 -7.98 8.77
CA ASN E 150 -39.04 -8.56 7.84
C ASN E 150 -39.18 -7.85 6.51
N VAL E 151 -38.41 -6.78 6.32
CA VAL E 151 -38.25 -6.16 5.00
C VAL E 151 -37.31 -7.04 4.16
N SER E 152 -37.75 -7.41 2.96
CA SER E 152 -37.04 -8.45 2.22
C SER E 152 -37.05 -8.13 0.73
N SER E 153 -36.15 -8.79 -0.01
CA SER E 153 -35.95 -8.58 -1.45
C SER E 153 -35.17 -9.75 -2.03
N GLY E 154 -35.17 -9.82 -3.35
CA GLY E 154 -34.40 -10.85 -4.01
C GLY E 154 -34.19 -10.48 -5.45
N TRP E 155 -33.57 -11.39 -6.19
CA TRP E 155 -33.45 -11.20 -7.63
C TRP E 155 -33.23 -12.56 -8.25
N ASP E 156 -33.95 -12.82 -9.33
CA ASP E 156 -33.76 -14.02 -10.12
C ASP E 156 -32.85 -13.56 -11.24
N LEU E 157 -31.54 -13.78 -11.07
CA LEU E 157 -30.59 -13.27 -12.04
C LEU E 157 -30.27 -14.28 -13.12
N THR E 158 -30.77 -15.49 -13.03
CA THR E 158 -30.82 -16.34 -14.21
C THR E 158 -31.89 -15.81 -15.17
N ALA E 159 -33.00 -15.30 -14.64
CA ALA E 159 -34.09 -14.74 -15.44
C ALA E 159 -34.10 -13.21 -15.50
N ASN E 160 -33.07 -12.53 -15.01
CA ASN E 160 -32.91 -11.08 -15.20
C ASN E 160 -34.15 -10.30 -14.77
N LYS E 161 -34.91 -10.88 -13.83
CA LYS E 161 -36.08 -10.23 -13.25
C LYS E 161 -36.04 -10.44 -11.75
N ALA E 162 -36.79 -9.63 -11.01
CA ALA E 162 -36.67 -9.61 -9.56
C ALA E 162 -37.49 -10.73 -8.92
N ILE E 163 -37.27 -10.92 -7.61
CA ILE E 163 -38.00 -11.91 -6.84
C ILE E 163 -38.89 -11.09 -5.94
N ALA F 1 -1.77 -16.65 15.88
CA ALA F 1 -0.75 -17.40 15.14
C ALA F 1 -1.05 -18.90 15.10
N PHE F 2 -0.01 -19.67 14.79
CA PHE F 2 -0.09 -21.13 14.76
C PHE F 2 1.32 -21.70 14.75
N ASP F 3 1.36 -23.03 14.88
CA ASP F 3 2.56 -23.85 14.81
C ASP F 3 2.47 -24.81 13.65
N ALA F 4 3.08 -24.43 12.52
CA ALA F 4 3.05 -25.23 11.32
C ALA F 4 4.44 -25.82 11.03
N PHE F 5 4.42 -26.97 10.39
CA PHE F 5 5.62 -27.72 10.07
C PHE F 5 5.45 -28.34 8.70
N LEU F 6 6.53 -28.38 7.94
CA LEU F 6 6.46 -28.91 6.59
C LEU F 6 7.58 -29.91 6.41
N LYS F 7 7.21 -31.11 5.96
CA LYS F 7 8.14 -32.13 5.53
C LYS F 7 7.89 -32.44 4.07
N ILE F 8 8.91 -32.19 3.25
CA ILE F 8 8.87 -32.55 1.80
C ILE F 8 9.50 -33.95 1.69
N ASP F 9 9.40 -34.61 0.53
CA ASP F 9 9.91 -36.01 0.42
C ASP F 9 11.38 -36.09 0.78
N GLY F 10 12.25 -35.35 0.10
CA GLY F 10 13.70 -35.51 0.35
C GLY F 10 14.26 -34.52 1.35
N ILE F 11 14.64 -33.31 0.90
CA ILE F 11 15.33 -32.30 1.77
C ILE F 11 14.78 -32.27 3.19
N PRO F 12 15.60 -32.57 4.22
CA PRO F 12 15.17 -32.47 5.62
C PRO F 12 15.50 -31.10 6.23
N GLY F 13 15.05 -30.84 7.46
CA GLY F 13 15.29 -29.57 8.08
C GLY F 13 16.27 -29.67 9.22
N GLU F 14 16.21 -28.69 10.10
CA GLU F 14 17.05 -28.62 11.28
C GLU F 14 16.15 -28.41 12.47
N SER F 15 14.85 -28.60 12.29
CA SER F 15 13.94 -28.37 13.38
C SER F 15 14.16 -29.45 14.43
N SER F 16 14.06 -29.02 15.68
CA SER F 16 14.24 -29.90 16.80
C SER F 16 12.94 -30.11 17.55
N ASP F 17 11.80 -29.94 16.90
CA ASP F 17 10.56 -30.20 17.59
C ASP F 17 10.46 -31.67 17.97
N ASP F 18 9.73 -31.92 19.06
CA ASP F 18 9.58 -33.29 19.55
C ASP F 18 8.85 -34.15 18.54
N LYS F 19 7.74 -33.62 18.03
CA LYS F 19 6.87 -34.35 17.12
C LYS F 19 7.41 -34.41 15.69
N HIS F 20 8.37 -33.53 15.33
CA HIS F 20 8.93 -33.47 13.96
C HIS F 20 10.46 -33.26 14.01
N LYS F 21 11.25 -34.35 14.09
CA LYS F 21 12.71 -34.20 14.06
C LYS F 21 13.22 -33.91 12.65
N ASP F 22 14.14 -32.93 12.57
CA ASP F 22 14.70 -32.41 11.32
C ASP F 22 13.62 -32.14 10.25
N TRP F 23 12.51 -31.55 10.67
CA TRP F 23 11.50 -31.03 9.75
C TRP F 23 11.78 -29.56 9.43
N ILE F 24 10.86 -28.96 8.67
CA ILE F 24 10.93 -27.54 8.34
C ILE F 24 9.82 -26.86 9.12
N GLU F 25 10.21 -25.87 9.90
CA GLU F 25 9.28 -24.97 10.55
C GLU F 25 8.99 -23.84 9.58
N ILE F 26 7.71 -23.49 9.50
CA ILE F 26 7.18 -22.52 8.55
C ILE F 26 6.44 -21.43 9.31
N GLN F 27 6.68 -20.18 8.93
CA GLN F 27 5.97 -19.13 9.61
C GLN F 27 4.79 -18.60 8.82
N SER F 28 4.68 -18.91 7.54
CA SER F 28 3.47 -18.47 6.86
C SER F 28 3.26 -19.34 5.64
N PHE F 29 1.99 -19.60 5.32
CA PHE F 29 1.64 -20.33 4.11
C PHE F 29 0.46 -19.69 3.41
N ALA F 30 0.32 -19.94 2.12
CA ALA F 30 -0.85 -19.40 1.47
C ALA F 30 -1.10 -20.17 0.17
N HIS F 31 -2.37 -20.32 -0.19
CA HIS F 31 -2.80 -21.09 -1.36
C HIS F 31 -4.08 -20.46 -1.91
N LYS F 32 -4.40 -20.80 -3.16
CA LYS F 32 -5.64 -20.29 -3.79
C LYS F 32 -6.05 -21.30 -4.87
N LEU F 33 -7.36 -21.50 -5.06
CA LEU F 33 -7.82 -22.38 -6.16
C LEU F 33 -9.15 -21.84 -6.73
N GLU F 34 -9.21 -21.63 -8.04
CA GLU F 34 -10.33 -20.88 -8.67
C GLU F 34 -10.88 -21.62 -9.88
N GLN F 35 -12.16 -22.01 -9.85
CA GLN F 35 -12.78 -22.63 -11.05
C GLN F 35 -13.13 -21.50 -12.03
N PRO F 36 -12.60 -21.50 -13.26
CA PRO F 36 -12.96 -20.50 -14.26
C PRO F 36 -14.47 -20.51 -14.54
N VAL F 52 -10.00 -26.79 -13.95
CA VAL F 52 -9.91 -25.89 -12.76
C VAL F 52 -8.56 -25.18 -12.66
N ASN F 53 -8.58 -23.85 -12.58
CA ASN F 53 -7.32 -23.10 -12.39
C ASN F 53 -6.84 -23.27 -10.95
N HIS F 54 -5.68 -23.88 -10.76
CA HIS F 54 -5.11 -24.00 -9.40
C HIS F 54 -4.08 -22.90 -9.25
N ALA F 55 -3.44 -22.80 -8.09
CA ALA F 55 -2.34 -21.83 -7.94
C ALA F 55 -1.19 -22.49 -7.21
N ALA F 56 -0.13 -21.74 -6.94
CA ALA F 56 1.07 -22.32 -6.30
C ALA F 56 0.90 -22.31 -4.78
N TYR F 57 1.14 -23.45 -4.13
CA TYR F 57 1.14 -23.43 -2.65
C TYR F 57 2.41 -22.71 -2.22
N GLU F 58 2.30 -21.73 -1.33
CA GLU F 58 3.44 -20.93 -0.94
C GLU F 58 3.73 -21.11 0.54
N ILE F 59 5.02 -21.06 0.91
CA ILE F 59 5.39 -21.04 2.31
C ILE F 59 6.50 -20.03 2.55
N THR F 60 6.62 -19.58 3.80
CA THR F 60 7.75 -18.78 4.22
C THR F 60 8.41 -19.55 5.34
N HIS F 61 9.72 -19.65 5.28
CA HIS F 61 10.46 -20.26 6.36
C HIS F 61 11.80 -19.55 6.43
N PHE F 62 12.42 -19.61 7.60
CA PHE F 62 13.75 -19.04 7.79
C PHE F 62 14.77 -19.81 6.97
N LEU F 63 15.92 -19.20 6.76
CA LEU F 63 17.03 -19.93 6.15
C LEU F 63 17.57 -20.96 7.14
N ASP F 64 17.54 -22.24 6.77
CA ASP F 64 17.87 -23.32 7.72
C ASP F 64 18.66 -24.40 6.98
N LYS F 65 18.77 -25.59 7.62
CA LYS F 65 19.59 -26.69 7.09
C LYS F 65 19.14 -27.06 5.68
N ALA F 66 17.86 -26.92 5.39
CA ALA F 66 17.31 -27.30 4.10
C ALA F 66 17.70 -26.32 3.00
N SER F 67 18.06 -25.09 3.35
CA SER F 67 18.12 -23.97 2.42
C SER F 67 18.90 -24.23 1.12
N PRO F 68 20.14 -24.74 1.12
CA PRO F 68 20.87 -24.83 -0.16
C PRO F 68 20.29 -25.85 -1.12
N LYS F 69 19.79 -26.98 -0.62
CA LYS F 69 19.23 -28.02 -1.46
C LYS F 69 17.87 -27.63 -2.04
N ILE F 70 17.27 -26.58 -1.48
CA ILE F 70 16.04 -26.00 -2.01
C ILE F 70 16.32 -25.15 -3.25
N TYR F 71 17.37 -24.32 -3.21
CA TYR F 71 17.69 -23.44 -4.34
C TYR F 71 18.06 -24.25 -5.57
N GLU F 72 18.61 -25.45 -5.34
CA GLU F 72 19.04 -26.34 -6.41
C GLU F 72 17.85 -26.95 -7.15
N ALA F 73 16.98 -27.66 -6.43
CA ALA F 73 15.84 -28.32 -7.04
C ALA F 73 15.00 -27.37 -7.87
N CYS F 74 15.05 -26.07 -7.59
CA CYS F 74 14.32 -25.09 -8.39
C CYS F 74 14.96 -24.93 -9.76
N CYS F 75 16.25 -24.54 -9.81
CA CYS F 75 16.94 -24.39 -11.09
C CYS F 75 17.16 -25.76 -11.74
N LYS F 76 17.46 -26.78 -10.93
CA LYS F 76 17.65 -28.12 -11.48
C LYS F 76 16.34 -28.72 -11.95
N GLY F 77 15.20 -28.21 -11.48
CA GLY F 77 13.92 -28.78 -11.84
C GLY F 77 13.59 -30.14 -11.26
N GLN F 78 14.09 -30.46 -10.07
CA GLN F 78 13.95 -31.82 -9.54
C GLN F 78 12.51 -32.13 -9.11
N HIS F 79 11.89 -33.08 -9.78
CA HIS F 79 10.57 -33.66 -9.46
C HIS F 79 10.56 -34.38 -8.11
N ILE F 80 9.70 -33.97 -7.18
CA ILE F 80 9.59 -34.57 -5.86
C ILE F 80 8.23 -35.22 -5.63
N LYS F 81 8.25 -36.43 -5.02
CA LYS F 81 7.03 -37.25 -4.99
C LYS F 81 5.96 -36.64 -4.11
N GLU F 82 6.29 -36.31 -2.86
CA GLU F 82 5.26 -36.02 -1.88
C GLU F 82 5.73 -34.95 -0.91
N ILE F 83 4.81 -34.06 -0.52
CA ILE F 83 5.10 -33.09 0.54
C ILE F 83 3.89 -33.08 1.45
N THR F 84 4.16 -32.95 2.73
CA THR F 84 3.11 -32.95 3.73
C THR F 84 3.39 -31.82 4.70
N ILE F 85 2.33 -31.12 5.10
CA ILE F 85 2.46 -30.03 6.05
C ILE F 85 1.44 -30.31 7.14
N GLU F 86 1.78 -29.95 8.36
CA GLU F 86 0.82 -30.14 9.41
C GLU F 86 0.65 -28.85 10.17
N LEU F 87 -0.57 -28.54 10.56
CA LEU F 87 -0.85 -27.31 11.27
C LEU F 87 -1.26 -27.66 12.68
N CYS F 88 -0.64 -27.00 13.61
CA CYS F 88 -0.89 -27.28 15.00
C CYS F 88 -1.34 -26.00 15.67
N ARG F 89 -2.16 -26.16 16.70
CA ARG F 89 -2.50 -25.03 17.52
C ARG F 89 -1.32 -24.79 18.47
N ALA F 90 -1.52 -23.99 19.49
CA ALA F 90 -0.59 -24.01 20.61
C ALA F 90 -1.28 -24.72 21.78
N GLY F 91 -0.51 -25.02 22.82
CA GLY F 91 -1.04 -25.77 23.95
C GLY F 91 -1.17 -27.27 23.70
N GLY F 92 -0.28 -27.84 22.89
CA GLY F 92 -0.45 -29.14 22.25
C GLY F 92 -0.38 -29.01 20.74
N ASP F 93 0.30 -29.92 20.05
CA ASP F 93 0.50 -29.78 18.60
C ASP F 93 -0.04 -30.93 17.73
N VAL F 95 -2.46 -30.88 19.59
CA VAL F 95 -3.56 -31.35 18.74
C VAL F 95 -3.42 -30.80 17.32
N LYS F 96 -3.16 -31.69 16.36
CA LYS F 96 -3.06 -31.26 14.98
C LYS F 96 -4.45 -30.93 14.46
N TYR F 97 -4.52 -30.01 13.49
CA TYR F 97 -5.80 -29.69 12.93
C TYR F 97 -5.81 -29.64 11.42
N MET F 98 -4.68 -29.88 10.75
CA MET F 98 -4.78 -29.95 9.28
C MET F 98 -3.53 -30.58 8.69
N GLU F 99 -3.75 -31.51 7.76
CA GLU F 99 -2.73 -32.29 7.07
C GLU F 99 -2.93 -32.07 5.58
N ILE F 100 -1.94 -31.46 4.93
CA ILE F 100 -1.97 -31.26 3.50
C ILE F 100 -0.91 -32.18 2.90
N LYS F 101 -1.36 -33.12 2.06
CA LYS F 101 -0.50 -34.09 1.41
C LYS F 101 -0.58 -33.76 -0.07
N MET F 102 0.56 -33.49 -0.70
CA MET F 102 0.57 -33.14 -2.12
C MET F 102 1.64 -33.95 -2.82
N GLU F 103 1.23 -34.63 -3.90
CA GLU F 103 2.08 -35.53 -4.65
C GLU F 103 2.52 -34.89 -5.95
N GLN F 104 3.61 -35.42 -6.51
CA GLN F 104 4.20 -34.95 -7.77
C GLN F 104 4.56 -33.47 -7.75
N VAL F 105 5.51 -33.12 -6.87
CA VAL F 105 5.85 -31.73 -6.53
C VAL F 105 7.06 -31.25 -7.33
N LEU F 106 7.23 -29.91 -7.41
CA LEU F 106 8.37 -29.26 -8.06
C LEU F 106 8.48 -27.79 -7.61
N ILE F 107 9.67 -27.37 -7.16
CA ILE F 107 9.87 -25.97 -6.76
C ILE F 107 9.74 -25.04 -7.95
N ALA F 108 8.76 -24.14 -7.87
CA ALA F 108 8.58 -23.15 -8.92
C ALA F 108 9.55 -22.00 -8.72
N LYS F 109 9.24 -21.16 -7.74
CA LYS F 109 9.97 -19.92 -7.46
C LYS F 109 10.37 -19.87 -5.99
N VAL F 110 11.62 -19.50 -5.71
CA VAL F 110 12.10 -19.31 -4.35
C VAL F 110 12.78 -17.94 -4.24
N GLU F 111 12.50 -17.26 -3.12
CA GLU F 111 12.85 -15.87 -2.91
C GLU F 111 13.38 -15.74 -1.49
N PRO F 112 14.70 -15.76 -1.29
CA PRO F 112 15.20 -15.55 0.07
C PRO F 112 15.27 -14.04 0.34
N HIS F 113 14.49 -13.61 1.33
CA HIS F 113 14.45 -12.21 1.67
C HIS F 113 15.03 -12.07 3.06
N GLY F 114 15.76 -11.00 3.27
CA GLY F 114 16.26 -10.74 4.59
C GLY F 114 16.55 -9.28 4.76
N SER F 115 16.08 -8.69 5.85
CA SER F 115 16.36 -7.30 6.10
C SER F 115 16.82 -7.20 7.55
N ALA F 116 17.26 -6.01 7.96
CA ALA F 116 17.61 -5.81 9.39
C ALA F 116 16.30 -5.54 10.15
N ASN F 117 15.67 -4.40 9.86
CA ASN F 117 14.40 -4.03 10.55
C ASN F 117 13.45 -5.22 10.56
N ASP F 118 13.18 -5.82 9.39
CA ASP F 118 12.27 -6.98 9.31
C ASP F 118 13.05 -8.27 9.60
N ASN F 119 13.36 -8.54 10.87
CA ASN F 119 14.08 -9.77 11.27
C ASN F 119 15.04 -10.21 10.17
N PHE F 121 16.68 -12.44 11.98
CA PHE F 121 16.43 -13.77 11.37
C PHE F 121 15.81 -13.62 9.99
N PRO F 122 16.60 -13.72 8.89
CA PRO F 122 16.06 -13.64 7.54
C PRO F 122 15.22 -14.86 7.16
N SER F 123 14.44 -14.75 6.08
CA SER F 123 13.52 -15.86 5.70
C SER F 123 13.54 -16.11 4.20
N GLU F 124 12.72 -17.05 3.71
CA GLU F 124 12.62 -17.28 2.24
C GLU F 124 11.22 -17.78 1.93
N LYS F 125 10.57 -17.18 0.94
CA LYS F 125 9.22 -17.63 0.58
C LYS F 125 9.35 -18.41 -0.71
N VAL F 126 9.09 -19.71 -0.63
CA VAL F 126 9.24 -20.66 -1.73
C VAL F 126 7.88 -21.14 -2.23
N SER F 127 7.76 -21.32 -3.55
CA SER F 127 6.49 -21.62 -4.21
C SER F 127 6.53 -22.98 -4.91
N PHE F 128 5.43 -23.71 -4.74
CA PHE F 128 5.27 -25.11 -5.07
C PHE F 128 4.14 -25.31 -6.07
N THR F 129 4.38 -26.17 -7.06
CA THR F 129 3.35 -26.80 -7.87
C THR F 129 3.26 -28.30 -7.54
N TYR F 130 2.12 -28.91 -7.86
CA TYR F 130 1.80 -30.28 -7.44
C TYR F 130 0.99 -30.95 -8.54
N GLY F 131 0.78 -32.26 -8.41
CA GLY F 131 -0.05 -32.95 -9.39
C GLY F 131 -1.25 -33.62 -8.75
N LYS F 132 -1.12 -33.87 -7.45
CA LYS F 132 -2.15 -34.49 -6.62
C LYS F 132 -2.16 -33.70 -5.31
N ILE F 133 -3.33 -33.59 -4.69
CA ILE F 133 -3.41 -32.90 -3.42
C ILE F 133 -4.54 -33.53 -2.60
N LYS F 134 -4.34 -33.57 -1.29
CA LYS F 134 -5.23 -34.26 -0.38
C LYS F 134 -5.23 -33.45 0.91
N TRP F 135 -6.39 -33.17 1.51
CA TRP F 135 -6.48 -32.39 2.74
C TRP F 135 -7.14 -33.23 3.84
N THR F 136 -6.63 -33.16 5.09
CA THR F 136 -7.10 -34.04 6.17
C THR F 136 -7.21 -33.26 7.48
N TYR F 137 -8.43 -32.75 7.75
CA TYR F 137 -8.71 -31.99 8.97
C TYR F 137 -9.05 -32.90 10.14
N THR F 138 -8.46 -32.64 11.30
CA THR F 138 -8.73 -33.36 12.55
C THR F 138 -9.43 -32.46 13.57
N GLN F 139 -10.61 -32.87 14.03
CA GLN F 139 -11.36 -32.01 14.92
C GLN F 139 -10.91 -32.20 16.38
N GLN F 140 -10.93 -31.09 17.13
CA GLN F 140 -10.52 -31.13 18.52
C GLN F 140 -11.35 -32.15 19.30
N LYS F 141 -10.65 -32.95 20.11
CA LYS F 141 -11.35 -33.89 20.96
C LYS F 141 -12.27 -33.12 21.90
N ARG F 142 -13.58 -33.31 21.70
CA ARG F 142 -14.64 -32.75 22.54
C ARG F 142 -15.23 -33.85 23.43
N ALA F 143 -16.34 -33.54 24.11
CA ALA F 143 -17.04 -34.56 24.90
C ALA F 143 -17.91 -35.46 24.02
N ASP F 144 -18.37 -34.96 22.86
CA ASP F 144 -19.03 -35.80 21.87
C ASP F 144 -18.04 -36.74 21.19
N GLY F 145 -16.76 -36.38 21.21
CA GLY F 145 -15.69 -37.18 20.64
C GLY F 145 -14.78 -36.33 19.80
N ALA F 146 -13.72 -36.99 19.29
CA ALA F 146 -12.84 -36.34 18.31
C ALA F 146 -13.61 -35.90 17.07
N GLY F 147 -14.87 -36.33 16.93
CA GLY F 147 -15.73 -35.82 15.90
C GLY F 147 -15.44 -36.32 14.49
N GLY F 148 -15.17 -35.40 13.56
CA GLY F 148 -14.91 -35.80 12.18
C GLY F 148 -13.61 -36.58 12.04
N GLY F 149 -12.73 -36.47 13.02
CA GLY F 149 -11.53 -37.28 13.11
C GLY F 149 -10.59 -36.95 11.97
N ASN F 150 -10.94 -37.44 10.80
CA ASN F 150 -10.24 -37.18 9.59
C ASN F 150 -11.29 -36.87 8.51
N VAL F 151 -11.68 -35.61 8.41
CA VAL F 151 -12.49 -35.15 7.30
C VAL F 151 -11.54 -34.82 6.14
N SER F 152 -11.74 -35.46 4.98
CA SER F 152 -10.78 -35.32 3.90
C SER F 152 -11.46 -35.07 2.56
N SER F 153 -10.63 -34.67 1.59
CA SER F 153 -11.02 -34.48 0.20
C SER F 153 -9.75 -34.36 -0.62
N GLY F 154 -9.87 -34.60 -1.91
CA GLY F 154 -8.64 -34.50 -2.68
C GLY F 154 -8.93 -34.33 -4.16
N TRP F 155 -7.86 -34.05 -4.92
CA TRP F 155 -8.04 -33.81 -6.38
C TRP F 155 -6.77 -34.18 -7.13
N ASP F 156 -6.87 -35.01 -8.17
CA ASP F 156 -5.68 -35.28 -9.01
C ASP F 156 -5.69 -34.33 -10.20
N LEU F 157 -4.95 -33.23 -10.10
CA LEU F 157 -4.89 -32.25 -11.22
C LEU F 157 -4.48 -32.98 -12.49
N THR F 158 -3.61 -34.00 -12.36
CA THR F 158 -3.22 -34.81 -13.54
C THR F 158 -4.48 -35.36 -14.21
N ALA F 159 -5.34 -36.04 -13.45
CA ALA F 159 -6.52 -36.67 -14.06
C ALA F 159 -7.66 -35.65 -14.14
N ASN F 160 -7.41 -34.40 -13.75
CA ASN F 160 -8.47 -33.37 -13.73
C ASN F 160 -9.77 -33.98 -13.19
N LYS F 161 -9.67 -34.75 -12.10
CA LYS F 161 -10.87 -35.34 -11.47
C LYS F 161 -10.58 -35.47 -9.97
N ALA F 162 -11.49 -36.07 -9.22
CA ALA F 162 -11.33 -36.18 -7.77
C ALA F 162 -10.35 -37.31 -7.41
N ILE F 163 -10.12 -37.49 -6.11
CA ILE F 163 -9.26 -38.59 -5.67
C ILE F 163 -10.05 -39.69 -4.90
#